data_7YA1
#
_entry.id   7YA1
#
_cell.length_a   1.00
_cell.length_b   1.00
_cell.length_c   1.00
_cell.angle_alpha   90.00
_cell.angle_beta   90.00
_cell.angle_gamma   90.00
#
_symmetry.space_group_name_H-M   'P 1'
#
loop_
_entity.id
_entity.type
_entity.pdbx_description
1 polymer 'Angiotensin-converting enzyme 2'
2 polymer 'Spike protein S1'
3 branched 2-acetamido-2-deoxy-beta-D-glucopyranose-(1-4)-2-acetamido-2-deoxy-beta-D-glucopyranose
4 non-polymer 2-acetamido-2-deoxy-beta-D-glucopyranose
5 non-polymer 'ZINC ION'
#
loop_
_entity_poly.entity_id
_entity_poly.type
_entity_poly.pdbx_seq_one_letter_code
_entity_poly.pdbx_strand_id
1 'polypeptide(L)'
;STIEEQAKTFLDKFNHEAEDLFYQSSLASWNYNTNITEENVQNMNNAGDKWSAFLKEQSTLAQMYPLQEIQNLTVKLQLQ
ALQQNGSSVLSEDKSKRLNTILNTMSTIYSTGKVCNPDNPQECLLLEPGLNEIMANSLDYNERLWAWESWRSEVGKQLRP
LYEEYVVLKNEMARANHYEDYGDYWRGDYEVNGVDGYDYSRGQLIEDVEHTFEEIKPLYEHLHAYVRAKLMNAYPSYISP
IGCLPAHLLGDMWGRFWTNLYSLTVPFGQKPNIDVTDAMVDQAWDAQRIFKEAEKFFVSVGLPNMTQGFWENSMLTDPGN
VQKAVCHPTAWDLGKGDFRILMCTKVTMDDFLTAHHEMGHIQYDMAYAAQPFLLRNGANEGFHEAVGEIMSLSAATPKHL
KSIGLLSPDFQEDNETEINFLLKQALTIVGTLPFTYMLEKWRWMVFKGEIPKDQWMKKWWEMKREIVGVVEPVPHDETYC
DPASLFHVSNDYSFIRYYTRTLYQFQFQEALCQAAKHEGPLHKCDISNSTEAGQKLFNMLRLGKSEPWTLALENVVGAKN
MNVRPLLNYFEPLFTWLKDQNKNSFVGWSTDWSPYA
;
A
2 'polypeptide(L)'
;TNLCPFDEVFNATRFASVYAWNRKRISNCVADYSVLYNSASFSTFKCYGVSPTKLNDLCFTNVYADSFVIRGDEVRQIAP
GQTGNIADYNYKLPDDFTGCVIAWNSNKLDSKVSGNYNYLYRLFRKSNLKPFERDISTEIYQAGNKPCNGVAGFNCYFPL
RSYSFRPTYGVGHQPYRVVVLSFELLHAPATVCGP
;
B
#
loop_
_chem_comp.id
_chem_comp.type
_chem_comp.name
_chem_comp.formula
NAG D-saccharide, beta linking 2-acetamido-2-deoxy-beta-D-glucopyranose 'C8 H15 N O6'
ZN non-polymer 'ZINC ION' 'Zn 2'
#
# COMPACT_ATOMS: atom_id res chain seq x y z
N SER A 1 -28.23 14.11 22.51
CA SER A 1 -26.99 13.40 22.18
C SER A 1 -25.79 14.32 22.30
N THR A 2 -24.65 13.77 22.74
CA THR A 2 -23.44 14.55 22.87
C THR A 2 -22.67 14.58 21.56
N ILE A 3 -21.50 15.23 21.57
CA ILE A 3 -20.72 15.42 20.35
C ILE A 3 -20.15 14.11 19.81
N GLU A 4 -19.74 13.20 20.70
CA GLU A 4 -19.04 12.00 20.26
C GLU A 4 -19.92 11.11 19.40
N GLU A 5 -21.12 10.78 19.87
CA GLU A 5 -21.99 9.91 19.09
C GLU A 5 -22.61 10.62 17.89
N GLN A 6 -22.56 11.96 17.86
CA GLN A 6 -22.86 12.67 16.63
C GLN A 6 -21.76 12.53 15.60
N ALA A 7 -20.49 12.59 16.02
CA ALA A 7 -19.39 12.33 15.12
C ALA A 7 -19.42 10.89 14.62
N LYS A 8 -19.82 9.95 15.49
CA LYS A 8 -20.00 8.57 15.06
C LYS A 8 -21.04 8.42 13.97
N THR A 9 -22.17 9.12 14.08
CA THR A 9 -23.18 9.11 13.02
C THR A 9 -22.66 9.77 11.74
N PHE A 10 -21.94 10.88 11.87
CA PHE A 10 -21.38 11.54 10.70
C PHE A 10 -20.41 10.64 9.94
N LEU A 11 -19.56 9.93 10.68
CA LEU A 11 -18.57 9.06 10.04
C LEU A 11 -19.22 7.89 9.32
N ASP A 12 -20.37 7.41 9.79
CA ASP A 12 -21.07 6.35 9.09
C ASP A 12 -21.49 6.80 7.69
N LYS A 13 -22.11 7.96 7.60
CA LYS A 13 -22.48 8.51 6.30
C LYS A 13 -21.26 8.76 5.44
N PHE A 14 -20.19 9.30 6.02
CA PHE A 14 -18.99 9.57 5.25
C PHE A 14 -18.40 8.29 4.67
N ASN A 15 -18.34 7.24 5.49
CA ASN A 15 -17.74 5.98 5.02
C ASN A 15 -18.61 5.31 3.98
N HIS A 16 -19.94 5.41 4.12
CA HIS A 16 -20.82 4.86 3.09
C HIS A 16 -20.62 5.59 1.77
N GLU A 17 -20.56 6.93 1.82
CA GLU A 17 -20.55 7.72 0.59
C GLU A 17 -19.18 7.80 -0.07
N ALA A 18 -18.09 7.66 0.69
CA ALA A 18 -16.74 7.79 0.14
C ALA A 18 -16.29 6.58 -0.67
N GLU A 19 -16.70 5.37 -0.27
CA GLU A 19 -16.26 4.17 -0.97
C GLU A 19 -16.78 4.09 -2.40
N ASP A 20 -17.90 4.73 -2.70
CA ASP A 20 -18.45 4.70 -4.06
C ASP A 20 -17.65 5.58 -5.02
N LEU A 21 -17.23 6.77 -4.60
CA LEU A 21 -16.48 7.68 -5.46
C LEU A 21 -15.02 7.28 -5.61
N PHE A 22 -14.48 6.49 -4.69
CA PHE A 22 -13.10 6.02 -4.80
C PHE A 22 -12.95 4.87 -5.77
N TYR A 23 -14.01 4.10 -6.02
CA TYR A 23 -13.99 3.04 -7.01
C TYR A 23 -13.97 3.56 -8.44
N GLN A 24 -14.69 4.64 -8.73
CA GLN A 24 -14.70 5.21 -10.07
C GLN A 24 -13.38 5.90 -10.44
N SER A 25 -12.71 6.52 -9.48
CA SER A 25 -11.41 7.11 -9.75
C SER A 25 -10.37 6.05 -10.04
N SER A 26 -10.31 5.01 -9.19
CA SER A 26 -9.33 3.95 -9.38
C SER A 26 -9.55 3.20 -10.69
N LEU A 27 -10.80 2.87 -11.04
CA LEU A 27 -11.08 2.20 -12.29
C LEU A 27 -10.78 3.07 -13.50
N ALA A 28 -11.07 4.37 -13.44
CA ALA A 28 -10.73 5.27 -14.53
C ALA A 28 -9.23 5.38 -14.71
N SER A 29 -8.47 5.42 -13.60
CA SER A 29 -7.01 5.41 -13.71
C SER A 29 -6.50 4.10 -14.29
N TRP A 30 -7.12 2.98 -13.89
CA TRP A 30 -6.73 1.68 -14.40
C TRP A 30 -6.94 1.58 -15.90
N ASN A 31 -8.07 2.10 -16.39
CA ASN A 31 -8.36 2.06 -17.81
C ASN A 31 -7.31 2.83 -18.61
N TYR A 32 -6.88 3.97 -18.08
CA TYR A 32 -5.83 4.75 -18.73
C TYR A 32 -4.50 3.99 -18.72
N ASN A 33 -4.12 3.45 -17.56
CA ASN A 33 -2.80 2.84 -17.42
C ASN A 33 -2.71 1.50 -18.14
N THR A 34 -3.86 0.91 -18.49
CA THR A 34 -3.87 -0.36 -19.21
C THR A 34 -4.12 -0.14 -20.71
N ASN A 35 -4.78 0.96 -21.07
CA ASN A 35 -5.15 1.21 -22.46
C ASN A 35 -5.13 2.71 -22.72
N ILE A 36 -3.99 3.24 -23.21
CA ILE A 36 -3.83 4.67 -23.38
C ILE A 36 -4.54 5.12 -24.64
N THR A 37 -5.43 6.10 -24.48
CA THR A 37 -6.19 6.65 -25.60
C THR A 37 -6.60 8.08 -25.24
N GLU A 38 -6.86 8.92 -26.24
CA GLU A 38 -7.23 10.31 -26.01
C GLU A 38 -8.53 10.44 -25.20
N GLU A 39 -9.54 9.63 -25.50
CA GLU A 39 -10.81 9.76 -24.80
C GLU A 39 -10.75 9.17 -23.39
N ASN A 40 -9.81 8.24 -23.16
CA ASN A 40 -9.58 7.75 -21.80
C ASN A 40 -8.60 8.63 -21.04
N VAL A 41 -8.81 9.94 -21.08
CA VAL A 41 -8.09 10.89 -20.23
C VAL A 41 -9.13 11.79 -19.58
N GLN A 42 -10.29 11.92 -20.23
CA GLN A 42 -11.36 12.77 -19.71
C GLN A 42 -12.07 12.11 -18.54
N ASN A 43 -12.30 10.80 -18.61
CA ASN A 43 -12.96 10.09 -17.51
C ASN A 43 -12.11 10.15 -16.26
N MET A 44 -10.79 9.98 -16.40
CA MET A 44 -9.89 10.05 -15.26
C MET A 44 -9.95 11.43 -14.60
N ASN A 45 -9.93 12.47 -15.43
CA ASN A 45 -9.98 13.85 -14.94
C ASN A 45 -11.30 14.11 -14.21
N ASN A 46 -12.41 13.64 -14.79
CA ASN A 46 -13.71 13.85 -14.16
C ASN A 46 -13.79 13.14 -12.81
N ALA A 47 -13.33 11.89 -12.75
CA ALA A 47 -13.37 11.14 -11.50
C ALA A 47 -12.49 11.79 -10.44
N GLY A 48 -11.29 12.21 -10.83
CA GLY A 48 -10.40 12.89 -9.91
C GLY A 48 -10.95 14.20 -9.41
N ASP A 49 -11.66 14.92 -10.29
CA ASP A 49 -12.29 16.17 -9.87
C ASP A 49 -13.40 15.92 -8.87
N LYS A 50 -14.26 14.93 -9.14
CA LYS A 50 -15.35 14.63 -8.21
C LYS A 50 -14.82 14.17 -6.86
N TRP A 51 -13.81 13.30 -6.86
CA TRP A 51 -13.23 12.83 -5.60
C TRP A 51 -12.64 13.97 -4.79
N SER A 52 -11.87 14.85 -5.44
CA SER A 52 -11.25 15.97 -4.74
C SER A 52 -12.30 16.94 -4.19
N ALA A 53 -13.34 17.22 -4.98
CA ALA A 53 -14.41 18.11 -4.53
C ALA A 53 -15.13 17.52 -3.33
N PHE A 54 -15.43 16.22 -3.37
CA PHE A 54 -16.09 15.59 -2.23
C PHE A 54 -15.22 15.63 -0.99
N LEU A 55 -13.93 15.32 -1.15
CA LEU A 55 -13.02 15.36 -0.01
C LEU A 55 -12.92 16.75 0.60
N LYS A 56 -12.79 17.79 -0.23
CA LYS A 56 -12.72 19.16 0.29
C LYS A 56 -14.03 19.56 0.98
N GLU A 57 -15.17 19.23 0.37
CA GLU A 57 -16.45 19.59 0.97
C GLU A 57 -16.65 18.92 2.31
N GLN A 58 -16.31 17.63 2.42
CA GLN A 58 -16.48 16.94 3.69
C GLN A 58 -15.44 17.31 4.72
N SER A 59 -14.24 17.73 4.29
CA SER A 59 -13.26 18.26 5.23
C SER A 59 -13.71 19.60 5.79
N THR A 60 -14.35 20.42 4.98
CA THR A 60 -14.87 21.70 5.46
C THR A 60 -15.94 21.49 6.53
N LEU A 61 -16.84 20.54 6.31
CA LEU A 61 -17.98 20.27 7.21
C LEU A 61 -17.58 19.52 8.47
N ALA A 62 -16.43 18.85 8.49
CA ALA A 62 -16.02 18.05 9.64
C ALA A 62 -15.22 18.84 10.68
N GLN A 63 -15.03 20.14 10.50
CA GLN A 63 -14.29 20.96 11.44
C GLN A 63 -15.17 21.59 12.51
N MET A 64 -16.46 21.26 12.51
CA MET A 64 -17.37 21.67 13.57
C MET A 64 -17.54 20.59 14.63
N TYR A 65 -16.55 19.73 14.78
CA TYR A 65 -16.56 18.66 15.79
C TYR A 65 -15.28 18.75 16.59
N PRO A 66 -15.26 19.54 17.67
CA PRO A 66 -14.05 19.72 18.46
C PRO A 66 -13.51 18.41 19.03
N LEU A 67 -12.18 18.27 19.02
CA LEU A 67 -11.56 17.03 19.48
C LEU A 67 -11.52 16.94 20.99
N GLN A 68 -11.45 18.07 21.70
CA GLN A 68 -11.31 18.06 23.15
C GLN A 68 -12.50 17.43 23.86
N GLU A 69 -13.65 17.33 23.20
CA GLU A 69 -14.85 16.72 23.78
C GLU A 69 -15.00 15.27 23.35
N ILE A 70 -13.90 14.60 22.99
CA ILE A 70 -13.93 13.24 22.48
C ILE A 70 -12.92 12.41 23.26
N GLN A 71 -13.33 11.22 23.69
CA GLN A 71 -12.49 10.34 24.49
C GLN A 71 -12.12 9.03 23.80
N ASN A 72 -12.83 8.61 22.77
CA ASN A 72 -12.51 7.37 22.07
C ASN A 72 -11.40 7.61 21.06
N LEU A 73 -10.43 6.70 21.02
CA LEU A 73 -9.23 6.92 20.21
C LEU A 73 -9.51 6.69 18.73
N THR A 74 -10.38 5.74 18.39
CA THR A 74 -10.60 5.40 16.99
C THR A 74 -11.26 6.56 16.24
N VAL A 75 -12.32 7.13 16.82
CA VAL A 75 -12.95 8.29 16.20
C VAL A 75 -12.04 9.50 16.15
N LYS A 76 -11.18 9.68 17.16
CA LYS A 76 -10.19 10.75 17.10
C LYS A 76 -9.22 10.55 15.93
N LEU A 77 -8.75 9.32 15.73
CA LEU A 77 -7.86 9.04 14.62
C LEU A 77 -8.54 9.27 13.28
N GLN A 78 -9.80 8.86 13.15
CA GLN A 78 -10.51 9.08 11.90
C GLN A 78 -10.81 10.55 11.66
N LEU A 79 -11.03 11.34 12.71
CA LEU A 79 -11.34 12.75 12.53
C LEU A 79 -10.09 13.58 12.27
N GLN A 80 -8.96 13.21 12.86
CA GLN A 80 -7.73 14.00 12.68
C GLN A 80 -7.30 14.03 11.21
N ALA A 81 -7.35 12.88 10.54
CA ALA A 81 -6.94 12.79 9.14
C ALA A 81 -7.82 13.66 8.26
N LEU A 82 -9.13 13.67 8.52
CA LEU A 82 -10.08 14.36 7.67
C LEU A 82 -10.10 15.86 7.96
N GLN A 83 -9.75 16.25 9.19
CA GLN A 83 -9.86 17.64 9.60
C GLN A 83 -8.73 18.49 9.02
N GLN A 84 -7.59 17.85 8.74
CA GLN A 84 -6.40 18.59 8.29
C GLN A 84 -6.66 19.35 7.00
N ASN A 85 -6.51 20.68 7.05
CA ASN A 85 -6.72 21.53 5.89
C ASN A 85 -5.71 21.22 4.79
N GLY A 86 -4.42 21.42 5.09
CA GLY A 86 -3.38 21.24 4.09
C GLY A 86 -2.79 22.55 3.63
N SER A 87 -3.05 22.92 2.38
CA SER A 87 -2.57 24.18 1.82
C SER A 87 -3.69 25.20 1.57
N SER A 88 -4.92 24.91 2.02
CA SER A 88 -6.01 25.84 1.77
C SER A 88 -6.01 27.01 2.74
N VAL A 89 -5.17 26.94 3.78
CA VAL A 89 -5.06 28.02 4.76
C VAL A 89 -4.43 29.23 4.10
N LEU A 90 -3.68 29.00 3.04
CA LEU A 90 -3.00 30.04 2.28
C LEU A 90 -4.03 30.93 1.60
N SER A 91 -3.72 32.22 1.48
CA SER A 91 -4.55 33.12 0.69
C SER A 91 -4.49 32.73 -0.78
N GLU A 92 -5.54 33.07 -1.52
CA GLU A 92 -5.62 32.66 -2.92
C GLU A 92 -4.49 33.29 -3.74
N ASP A 93 -4.00 34.45 -3.31
CA ASP A 93 -2.84 35.05 -3.98
C ASP A 93 -1.59 34.21 -3.75
N LYS A 94 -1.42 33.67 -2.54
CA LYS A 94 -0.29 32.82 -2.20
C LYS A 94 -0.51 31.36 -2.57
N SER A 95 -1.69 31.02 -3.09
CA SER A 95 -1.95 29.67 -3.58
C SER A 95 -1.78 29.52 -5.08
N LYS A 96 -1.80 30.61 -5.84
CA LYS A 96 -1.52 30.56 -7.28
C LYS A 96 -0.03 30.57 -7.58
N ARG A 97 0.81 30.83 -6.58
CA ARG A 97 2.26 30.84 -6.75
C ARG A 97 2.87 29.46 -6.51
N LEU A 98 2.44 28.77 -5.46
CA LEU A 98 3.08 27.52 -5.08
C LEU A 98 2.83 26.41 -6.10
N ASN A 99 1.59 26.25 -6.56
CA ASN A 99 1.32 25.22 -7.57
C ASN A 99 2.02 25.54 -8.89
N THR A 100 2.06 26.81 -9.27
CA THR A 100 2.79 27.21 -10.46
C THR A 100 4.27 26.89 -10.34
N ILE A 101 4.86 27.17 -9.17
CA ILE A 101 6.26 26.89 -8.90
C ILE A 101 6.52 25.40 -9.03
N LEU A 102 5.65 24.59 -8.42
CA LEU A 102 5.82 23.14 -8.45
C LEU A 102 5.72 22.60 -9.87
N ASN A 103 4.74 23.08 -10.63
CA ASN A 103 4.58 22.63 -12.01
C ASN A 103 5.76 23.04 -12.88
N THR A 104 6.26 24.27 -12.69
CA THR A 104 7.43 24.71 -13.45
C THR A 104 8.65 23.86 -13.10
N MET A 105 8.82 23.54 -11.81
CA MET A 105 9.95 22.69 -11.42
C MET A 105 9.85 21.30 -12.03
N SER A 106 8.65 20.72 -11.99
CA SER A 106 8.44 19.39 -12.57
C SER A 106 8.72 19.41 -14.08
N THR A 107 8.22 20.43 -14.77
CA THR A 107 8.44 20.52 -16.21
C THR A 107 9.91 20.71 -16.54
N ILE A 108 10.61 21.57 -15.80
CA ILE A 108 12.00 21.87 -16.12
C ILE A 108 12.89 20.68 -15.78
N TYR A 109 12.48 19.87 -14.80
CA TYR A 109 13.21 18.62 -14.55
C TYR A 109 12.94 17.60 -15.65
N SER A 110 11.69 17.50 -16.10
CA SER A 110 11.35 16.52 -17.13
C SER A 110 11.98 16.88 -18.46
N THR A 111 11.94 18.17 -18.83
CA THR A 111 12.45 18.63 -20.12
C THR A 111 13.88 19.13 -19.99
N GLY A 112 14.82 18.18 -20.01
CA GLY A 112 16.22 18.52 -19.94
C GLY A 112 16.89 18.47 -21.30
N LYS A 113 18.04 19.14 -21.39
CA LYS A 113 18.80 19.18 -22.64
C LYS A 113 20.30 19.34 -22.38
N VAL A 114 21.03 18.24 -22.46
CA VAL A 114 22.48 18.22 -22.23
C VAL A 114 23.15 18.12 -23.59
N CYS A 115 23.93 19.12 -23.94
CA CYS A 115 24.61 19.19 -25.23
C CYS A 115 26.10 19.40 -24.99
N ASN A 116 26.93 18.59 -25.66
CA ASN A 116 28.37 18.68 -25.48
C ASN A 116 28.93 19.99 -26.04
N PRO A 117 30.02 20.52 -25.47
CA PRO A 117 30.51 21.84 -25.89
C PRO A 117 31.03 21.86 -27.32
N ASP A 118 30.92 23.03 -27.96
CA ASP A 118 31.46 23.27 -29.31
C ASP A 118 30.83 22.33 -30.34
N ASN A 119 29.65 21.80 -30.03
CA ASN A 119 28.97 20.88 -30.92
C ASN A 119 27.48 20.88 -30.60
N PRO A 120 26.67 21.70 -31.28
CA PRO A 120 25.23 21.75 -30.97
C PRO A 120 24.44 20.67 -31.70
N GLN A 121 25.13 19.66 -32.23
CA GLN A 121 24.46 18.64 -33.05
C GLN A 121 23.74 17.60 -32.19
N GLU A 122 24.47 16.93 -31.29
CA GLU A 122 23.88 15.83 -30.55
C GLU A 122 23.65 16.21 -29.08
N CYS A 123 22.46 15.86 -28.58
CA CYS A 123 22.11 16.10 -27.18
C CYS A 123 21.34 14.87 -26.70
N LEU A 124 21.57 14.46 -25.45
CA LEU A 124 21.16 13.13 -25.04
C LEU A 124 20.20 13.12 -23.85
N LEU A 125 20.07 14.25 -23.15
CA LEU A 125 19.16 14.37 -21.96
C LEU A 125 19.36 13.22 -20.93
N LEU A 126 18.40 12.96 -20.01
CA LEU A 126 18.61 11.99 -18.89
C LEU A 126 18.28 10.55 -19.25
N GLU A 127 17.11 10.30 -19.84
CA GLU A 127 16.69 8.91 -20.13
C GLU A 127 16.47 8.75 -21.64
N PRO A 128 17.04 7.72 -22.31
CA PRO A 128 18.07 6.88 -21.73
C PRO A 128 19.46 7.43 -22.07
N GLY A 129 19.66 8.72 -21.89
CA GLY A 129 20.91 9.37 -22.20
C GLY A 129 21.99 9.23 -21.14
N LEU A 130 22.21 10.29 -20.36
CA LEU A 130 23.32 10.31 -19.40
C LEU A 130 23.24 9.18 -18.39
N ASN A 131 22.03 8.68 -18.12
CA ASN A 131 21.87 7.54 -17.23
C ASN A 131 22.56 6.30 -17.79
N GLU A 132 22.45 6.07 -19.10
CA GLU A 132 23.17 4.98 -19.73
C GLU A 132 24.66 5.29 -19.82
N ILE A 133 25.02 6.56 -20.01
CA ILE A 133 26.42 6.95 -20.03
C ILE A 133 27.06 6.70 -18.67
N MET A 134 26.37 7.12 -17.61
CA MET A 134 26.86 6.91 -16.25
C MET A 134 26.28 5.62 -15.68
N ALA A 135 26.38 4.56 -16.47
CA ALA A 135 26.06 3.22 -15.97
C ALA A 135 27.13 2.22 -16.39
N ASN A 136 27.77 2.47 -17.54
CA ASN A 136 28.80 1.58 -18.08
C ASN A 136 29.82 2.37 -18.92
N SER A 137 30.89 2.82 -18.27
CA SER A 137 31.94 3.58 -18.91
C SER A 137 33.13 3.72 -17.98
N LEU A 138 34.34 3.69 -18.53
CA LEU A 138 35.55 3.79 -17.72
C LEU A 138 36.46 4.88 -18.23
N ASP A 139 35.89 6.05 -18.54
CA ASP A 139 36.67 7.20 -19.00
C ASP A 139 36.38 8.35 -18.06
N TYR A 140 37.44 8.94 -17.49
CA TYR A 140 37.31 10.04 -16.54
C TYR A 140 36.64 11.26 -17.16
N ASN A 141 37.07 11.65 -18.36
CA ASN A 141 36.59 12.87 -18.98
C ASN A 141 35.13 12.77 -19.40
N GLU A 142 34.74 11.64 -19.98
CA GLU A 142 33.35 11.45 -20.37
C GLU A 142 32.44 11.41 -19.15
N ARG A 143 32.87 10.72 -18.09
CA ARG A 143 32.11 10.71 -16.85
C ARG A 143 32.09 12.10 -16.20
N LEU A 144 33.19 12.84 -16.31
CA LEU A 144 33.18 14.22 -15.83
C LEU A 144 32.79 15.14 -16.99
N TRP A 145 31.70 14.80 -17.66
CA TRP A 145 31.05 15.71 -18.60
C TRP A 145 29.56 15.74 -18.33
N ALA A 146 28.99 14.56 -18.05
CA ALA A 146 27.57 14.45 -17.73
C ALA A 146 27.25 14.90 -16.32
N TRP A 147 28.22 14.83 -15.41
CA TRP A 147 28.03 15.26 -14.04
C TRP A 147 27.97 16.78 -13.89
N GLU A 148 28.70 17.51 -14.74
CA GLU A 148 28.64 18.96 -14.73
C GLU A 148 27.66 19.54 -15.74
N SER A 149 27.32 18.80 -16.79
CA SER A 149 26.32 19.28 -17.74
C SER A 149 24.96 19.40 -17.07
N TRP A 150 24.57 18.37 -16.30
CA TRP A 150 23.31 18.42 -15.58
C TRP A 150 23.28 19.49 -14.50
N ARG A 151 24.37 19.65 -13.74
CA ARG A 151 24.38 20.62 -12.66
C ARG A 151 24.57 22.05 -13.16
N SER A 152 25.08 22.21 -14.39
CA SER A 152 25.29 23.55 -14.92
C SER A 152 23.97 24.19 -15.34
N GLU A 153 23.09 23.42 -15.98
CA GLU A 153 21.84 23.99 -16.47
C GLU A 153 20.72 23.91 -15.43
N VAL A 154 20.37 22.69 -14.99
CA VAL A 154 19.20 22.48 -14.16
C VAL A 154 19.36 23.24 -12.84
N GLY A 155 20.50 23.06 -12.18
CA GLY A 155 20.74 23.71 -10.90
C GLY A 155 20.58 25.21 -10.98
N LYS A 156 21.28 25.83 -11.93
CA LYS A 156 21.20 27.27 -12.13
C LYS A 156 19.82 27.75 -12.55
N GLN A 157 18.97 26.84 -13.03
CA GLN A 157 17.59 27.20 -13.33
C GLN A 157 16.60 26.74 -12.26
N LEU A 158 17.06 26.11 -11.18
CA LEU A 158 16.19 25.78 -10.06
C LEU A 158 16.54 26.51 -8.78
N ARG A 159 17.72 27.14 -8.71
CA ARG A 159 18.07 27.89 -7.51
C ARG A 159 17.12 29.07 -7.25
N PRO A 160 16.81 29.94 -8.21
CA PRO A 160 15.87 31.04 -7.91
C PRO A 160 14.48 30.58 -7.50
N LEU A 161 13.97 29.50 -8.11
CA LEU A 161 12.64 29.02 -7.77
C LEU A 161 12.60 28.35 -6.41
N TYR A 162 13.56 27.47 -6.12
CA TYR A 162 13.59 26.77 -4.84
C TYR A 162 13.61 27.73 -3.66
N GLU A 163 14.31 28.86 -3.79
CA GLU A 163 14.35 29.83 -2.72
C GLU A 163 12.95 30.31 -2.35
N GLU A 164 12.06 30.44 -3.32
CA GLU A 164 10.66 30.73 -3.02
C GLU A 164 9.94 29.50 -2.49
N TYR A 165 10.21 28.34 -3.07
CA TYR A 165 9.53 27.11 -2.65
C TYR A 165 9.70 26.85 -1.16
N VAL A 166 10.84 27.25 -0.60
CA VAL A 166 11.06 27.10 0.82
C VAL A 166 10.20 28.07 1.64
N VAL A 167 10.10 29.33 1.24
CA VAL A 167 9.51 30.35 2.12
C VAL A 167 8.02 30.12 2.28
N LEU A 168 7.35 29.71 1.21
CA LEU A 168 5.91 29.44 1.29
C LEU A 168 5.60 28.18 2.08
N LYS A 169 6.27 27.06 1.77
CA LYS A 169 5.98 25.78 2.42
C LYS A 169 6.21 25.82 3.92
N ASN A 170 7.13 26.67 4.41
CA ASN A 170 7.23 26.92 5.83
C ASN A 170 6.02 27.66 6.39
N GLU A 171 5.62 28.76 5.74
CA GLU A 171 4.54 29.58 6.30
C GLU A 171 3.24 28.80 6.37
N MET A 172 2.95 28.01 5.34
CA MET A 172 1.82 27.08 5.41
C MET A 172 1.91 26.21 6.65
N ALA A 173 3.05 25.57 6.86
CA ALA A 173 3.26 24.74 8.04
C ALA A 173 3.32 25.57 9.32
N ARG A 174 3.55 26.87 9.21
CA ARG A 174 3.41 27.76 10.36
C ARG A 174 1.98 28.16 10.63
N ALA A 175 1.12 28.10 9.62
CA ALA A 175 -0.31 28.28 9.82
C ALA A 175 -1.00 27.02 10.33
N ASN A 176 -0.41 25.85 10.09
CA ASN A 176 -0.87 24.60 10.63
C ASN A 176 -0.23 24.26 11.97
N HIS A 177 0.61 25.17 12.49
CA HIS A 177 1.12 25.11 13.86
C HIS A 177 1.96 23.86 14.13
N TYR A 178 3.11 23.86 13.44
CA TYR A 178 4.01 22.71 13.43
C TYR A 178 5.47 23.17 13.45
N GLU A 179 5.76 24.46 13.66
CA GLU A 179 7.16 24.99 13.75
C GLU A 179 7.81 25.23 12.38
N ASP A 180 7.42 24.51 11.32
CA ASP A 180 7.99 24.63 9.99
C ASP A 180 7.65 23.41 9.13
N TYR A 181 8.19 23.35 7.91
CA TYR A 181 7.77 22.33 6.96
C TYR A 181 8.44 20.98 7.23
N GLY A 182 9.64 20.99 7.84
CA GLY A 182 10.28 19.73 8.19
C GLY A 182 9.52 18.98 9.27
N ASP A 183 9.07 19.71 10.29
CA ASP A 183 8.32 19.08 11.37
C ASP A 183 6.95 18.61 10.88
N TYR A 184 6.39 19.29 9.89
CA TYR A 184 5.19 18.77 9.22
C TYR A 184 5.45 17.38 8.65
N TRP A 185 6.61 17.18 8.03
CA TRP A 185 6.96 15.87 7.51
C TRP A 185 7.18 14.87 8.64
N ARG A 186 7.84 15.29 9.72
CA ARG A 186 8.10 14.38 10.83
C ARG A 186 6.85 14.05 11.63
N GLY A 187 5.76 14.79 11.46
CA GLY A 187 4.53 14.49 12.18
C GLY A 187 3.88 13.18 11.81
N ASP A 188 4.38 12.50 10.77
CA ASP A 188 3.84 11.20 10.39
C ASP A 188 4.04 10.18 11.51
N TYR A 189 5.18 10.22 12.18
CA TYR A 189 5.54 9.23 13.18
C TYR A 189 5.00 9.54 14.57
N GLU A 190 4.22 10.61 14.72
CA GLU A 190 3.76 11.02 16.04
C GLU A 190 2.66 10.09 16.55
N VAL A 191 2.78 9.70 17.81
CA VAL A 191 1.76 8.94 18.52
C VAL A 191 1.48 9.64 19.85
N ASN A 192 0.20 9.90 20.12
CA ASN A 192 -0.20 10.59 21.33
C ASN A 192 -1.40 9.87 21.95
N GLY A 193 -1.55 10.02 23.27
CA GLY A 193 -2.72 9.52 23.96
C GLY A 193 -2.66 8.07 24.37
N VAL A 194 -1.53 7.39 24.17
CA VAL A 194 -1.39 5.99 24.55
C VAL A 194 -0.22 5.92 25.53
N ASP A 195 -0.46 5.37 26.71
CA ASP A 195 0.57 5.26 27.73
C ASP A 195 1.58 4.18 27.36
N GLY A 196 2.86 4.54 27.40
CA GLY A 196 3.92 3.61 27.07
C GLY A 196 4.17 3.43 25.59
N TYR A 197 3.37 4.08 24.74
CA TYR A 197 3.54 3.97 23.29
C TYR A 197 3.61 5.32 22.61
N ASP A 198 3.79 6.40 23.36
CA ASP A 198 3.85 7.73 22.77
C ASP A 198 5.16 7.94 22.02
N TYR A 199 5.15 8.91 21.11
CA TYR A 199 6.31 9.18 20.26
C TYR A 199 6.19 10.61 19.75
N SER A 200 7.22 11.40 20.00
CA SER A 200 7.22 12.82 19.63
C SER A 200 7.90 13.03 18.29
N ARG A 201 7.64 14.20 17.70
CA ARG A 201 8.20 14.52 16.39
C ARG A 201 9.71 14.70 16.46
N GLY A 202 10.20 15.35 17.53
CA GLY A 202 11.62 15.61 17.65
C GLY A 202 12.45 14.41 18.04
N GLN A 203 11.81 13.35 18.54
CA GLN A 203 12.54 12.16 18.96
C GLN A 203 13.02 11.35 17.76
N LEU A 204 12.39 11.51 16.60
CA LEU A 204 12.81 10.77 15.41
C LEU A 204 14.22 11.16 15.00
N ILE A 205 14.57 12.44 15.14
CA ILE A 205 15.92 12.88 14.80
C ILE A 205 16.95 12.16 15.65
N GLU A 206 16.75 12.16 16.97
CA GLU A 206 17.68 11.50 17.87
C GLU A 206 17.74 10.00 17.63
N ASP A 207 16.60 9.35 17.40
CA ASP A 207 16.59 7.94 17.06
C ASP A 207 17.35 7.63 15.77
N VAL A 208 17.29 8.53 14.79
CA VAL A 208 18.06 8.37 13.56
C VAL A 208 19.56 8.56 13.77
N GLU A 209 19.98 9.57 14.54
CA GLU A 209 21.41 9.80 14.75
C GLU A 209 22.07 8.64 15.47
N HIS A 210 21.40 8.08 16.49
CA HIS A 210 22.01 7.01 17.28
CA HIS A 210 22.01 7.01 17.28
C HIS A 210 22.28 5.78 16.43
N THR A 211 21.32 5.41 15.57
CA THR A 211 21.50 4.22 14.74
C THR A 211 22.67 4.36 13.78
N PHE A 212 22.81 5.54 13.16
CA PHE A 212 23.88 5.76 12.19
C PHE A 212 25.26 5.62 12.83
N GLU A 213 25.37 5.80 14.14
CA GLU A 213 26.63 5.66 14.84
C GLU A 213 27.07 4.20 14.98
N GLU A 214 26.16 3.24 14.81
CA GLU A 214 26.49 1.84 14.91
C GLU A 214 26.61 1.15 13.56
N ILE A 215 26.59 1.91 12.47
CA ILE A 215 26.84 1.38 11.13
C ILE A 215 28.13 1.93 10.53
N LYS A 216 28.77 2.90 11.19
CA LYS A 216 29.97 3.52 10.62
C LYS A 216 31.08 2.53 10.31
N PRO A 217 31.43 1.56 11.18
CA PRO A 217 32.55 0.66 10.85
C PRO A 217 32.35 -0.11 9.55
N LEU A 218 31.16 -0.67 9.36
CA LEU A 218 30.87 -1.43 8.15
C LEU A 218 30.93 -0.55 6.91
N TYR A 219 30.37 0.65 6.97
CA TYR A 219 30.44 1.55 5.81
C TYR A 219 31.86 1.99 5.54
N GLU A 220 32.67 2.25 6.57
CA GLU A 220 34.06 2.61 6.35
C GLU A 220 34.84 1.47 5.69
N HIS A 221 34.64 0.23 6.14
CA HIS A 221 35.31 -0.89 5.49
C HIS A 221 34.85 -1.09 4.05
N LEU A 222 33.55 -0.98 3.78
CA LEU A 222 33.07 -1.07 2.40
C LEU A 222 33.62 0.05 1.54
N HIS A 223 33.65 1.28 2.08
CA HIS A 223 34.17 2.43 1.37
C HIS A 223 35.66 2.26 1.05
N ALA A 224 36.44 1.76 2.02
CA ALA A 224 37.85 1.51 1.79
C ALA A 224 38.09 0.41 0.76
N TYR A 225 37.30 -0.67 0.80
CA TYR A 225 37.43 -1.74 -0.20
C TYR A 225 37.10 -1.24 -1.60
N VAL A 226 36.03 -0.46 -1.74
CA VAL A 226 35.66 0.10 -3.04
C VAL A 226 36.73 1.07 -3.53
N ARG A 227 37.27 1.88 -2.62
CA ARG A 227 38.33 2.81 -2.99
C ARG A 227 39.59 2.07 -3.42
N ALA A 228 39.91 0.96 -2.74
CA ALA A 228 41.09 0.17 -3.12
C ALA A 228 40.90 -0.47 -4.49
N LYS A 229 39.67 -0.86 -4.81
CA LYS A 229 39.44 -1.45 -6.14
C LYS A 229 39.08 -0.42 -7.21
N LEU A 230 39.01 0.87 -6.87
CA LEU A 230 38.81 1.90 -7.87
C LEU A 230 40.09 2.65 -8.24
N MET A 231 41.22 2.30 -7.62
CA MET A 231 42.51 2.84 -8.03
C MET A 231 43.11 2.07 -9.19
N ASN A 232 42.56 0.90 -9.53
CA ASN A 232 43.03 0.12 -10.65
C ASN A 232 42.22 0.31 -11.92
N ALA A 233 40.90 0.50 -11.80
CA ALA A 233 40.08 0.83 -12.96
C ALA A 233 40.51 2.18 -13.54
N TYR A 234 40.75 3.15 -12.67
CA TYR A 234 41.36 4.42 -13.03
C TYR A 234 42.73 4.46 -12.39
N PRO A 235 43.81 4.22 -13.16
CA PRO A 235 45.15 4.03 -12.58
C PRO A 235 45.56 5.06 -11.54
N SER A 236 44.93 6.23 -11.56
CA SER A 236 45.26 7.32 -10.65
C SER A 236 44.01 8.12 -10.35
N TYR A 237 44.18 9.34 -9.86
CA TYR A 237 43.10 10.29 -9.58
C TYR A 237 42.37 9.93 -8.30
N ILE A 238 42.75 8.81 -7.69
CA ILE A 238 42.20 8.40 -6.41
C ILE A 238 43.32 8.32 -5.40
N SER A 239 43.15 9.03 -4.27
CA SER A 239 44.18 9.04 -3.20
C SER A 239 43.82 7.99 -2.14
N PRO A 240 44.82 7.25 -1.59
CA PRO A 240 44.58 6.18 -0.62
C PRO A 240 44.04 6.61 0.74
N ILE A 241 43.99 7.92 1.01
CA ILE A 241 43.47 8.44 2.30
C ILE A 241 42.62 9.63 1.92
N GLY A 242 41.59 9.42 1.14
CA GLY A 242 40.81 10.51 0.60
C GLY A 242 39.39 10.14 0.29
N CYS A 243 38.69 11.06 -0.36
CA CYS A 243 37.26 10.93 -0.64
C CYS A 243 37.09 10.55 -2.10
N LEU A 244 36.12 9.69 -2.36
CA LEU A 244 35.81 9.21 -3.70
C LEU A 244 35.17 10.32 -4.51
N PRO A 245 35.69 10.63 -5.70
CA PRO A 245 35.04 11.65 -6.53
C PRO A 245 33.62 11.26 -6.90
N ALA A 246 32.76 12.27 -6.98
CA ALA A 246 31.32 12.06 -7.14
C ALA A 246 30.94 11.42 -8.47
N HIS A 247 31.74 11.57 -9.52
CA HIS A 247 31.37 11.10 -10.85
C HIS A 247 31.89 9.69 -11.13
N LEU A 248 32.20 8.91 -10.09
CA LEU A 248 32.75 7.58 -10.26
C LEU A 248 32.05 6.57 -9.34
N LEU A 249 30.74 6.71 -9.15
CA LEU A 249 30.00 5.92 -8.16
C LEU A 249 28.72 5.38 -8.79
N GLY A 250 28.85 4.78 -9.97
CA GLY A 250 27.71 4.16 -10.62
C GLY A 250 26.77 5.19 -11.21
N ASP A 251 25.58 5.33 -10.63
CA ASP A 251 24.62 6.30 -11.11
C ASP A 251 25.13 7.73 -10.92
N MET A 252 24.35 8.69 -11.43
CA MET A 252 24.77 10.08 -11.45
C MET A 252 24.96 10.67 -10.07
N TRP A 253 23.90 10.67 -9.26
CA TRP A 253 23.95 11.35 -7.97
C TRP A 253 24.79 10.59 -6.94
N GLY A 254 24.91 9.27 -7.11
CA GLY A 254 25.63 8.47 -6.14
C GLY A 254 24.68 7.84 -5.14
N ARG A 255 23.43 7.71 -5.53
CA ARG A 255 22.39 7.17 -4.66
C ARG A 255 22.50 5.66 -4.47
N PHE A 256 23.04 4.93 -5.45
CA PHE A 256 23.19 3.48 -5.33
C PHE A 256 24.58 3.12 -5.83
N TRP A 257 25.22 2.16 -5.17
CA TRP A 257 26.55 1.68 -5.54
C TRP A 257 26.50 0.39 -6.34
N THR A 258 25.34 0.04 -6.89
CA THR A 258 25.12 -1.25 -7.52
C THR A 258 25.99 -1.47 -8.75
N ASN A 259 26.20 -0.44 -9.57
CA ASN A 259 26.90 -0.57 -10.83
C ASN A 259 28.41 -0.64 -10.68
N LEU A 260 28.92 -0.77 -9.46
CA LEU A 260 30.35 -0.94 -9.21
C LEU A 260 30.70 -2.41 -8.99
N TYR A 261 29.74 -3.31 -9.20
CA TYR A 261 29.98 -4.74 -9.03
C TYR A 261 30.95 -5.30 -10.05
N SER A 262 30.86 -4.90 -11.31
CA SER A 262 31.78 -5.39 -12.32
C SER A 262 33.23 -5.07 -11.99
N LEU A 263 33.48 -3.99 -11.27
CA LEU A 263 34.82 -3.62 -10.84
C LEU A 263 35.19 -4.23 -9.50
N THR A 264 34.21 -4.48 -8.64
CA THR A 264 34.43 -5.08 -7.32
C THR A 264 33.75 -6.45 -7.28
N VAL A 265 34.50 -7.49 -7.63
CA VAL A 265 34.02 -8.86 -7.51
C VAL A 265 34.89 -9.57 -6.46
N PRO A 266 34.31 -10.06 -5.37
CA PRO A 266 35.12 -10.75 -4.35
C PRO A 266 35.89 -11.92 -4.91
N PHE A 267 35.19 -12.87 -5.53
CA PHE A 267 35.80 -14.05 -6.11
C PHE A 267 35.28 -14.21 -7.54
N GLY A 268 36.13 -13.85 -8.50
CA GLY A 268 35.79 -14.04 -9.89
C GLY A 268 35.89 -15.50 -10.29
N GLN A 269 35.52 -15.76 -11.54
CA GLN A 269 35.50 -17.10 -12.12
C GLN A 269 34.48 -18.00 -11.42
N LYS A 270 33.74 -17.44 -10.47
CA LYS A 270 32.65 -18.13 -9.80
C LYS A 270 31.34 -17.38 -10.05
N PRO A 271 30.56 -17.78 -11.04
CA PRO A 271 29.33 -17.03 -11.35
C PRO A 271 28.25 -17.23 -10.30
N ASN A 272 27.31 -16.29 -10.24
CA ASN A 272 26.24 -16.31 -9.26
C ASN A 272 25.12 -17.22 -9.73
N ILE A 273 24.07 -17.33 -8.92
CA ILE A 273 22.96 -18.21 -9.23
C ILE A 273 21.97 -17.46 -10.12
N ASP A 274 21.69 -18.01 -11.30
CA ASP A 274 20.71 -17.48 -12.22
C ASP A 274 19.93 -18.65 -12.82
N VAL A 275 18.61 -18.59 -12.71
CA VAL A 275 17.75 -19.68 -13.15
C VAL A 275 16.89 -19.28 -14.34
N THR A 276 17.30 -18.24 -15.07
CA THR A 276 16.59 -17.84 -16.29
C THR A 276 16.66 -18.93 -17.34
N ASP A 277 17.84 -19.54 -17.48
CA ASP A 277 18.04 -20.60 -18.46
C ASP A 277 17.15 -21.79 -18.17
N ALA A 278 17.04 -22.17 -16.90
CA ALA A 278 16.20 -23.30 -16.50
C ALA A 278 14.75 -23.02 -16.85
N MET A 279 14.28 -21.81 -16.57
CA MET A 279 12.90 -21.44 -16.90
C MET A 279 12.66 -21.47 -18.40
N VAL A 280 13.59 -20.93 -19.18
CA VAL A 280 13.38 -20.73 -20.61
C VAL A 280 13.60 -22.04 -21.36
N ASP A 281 14.24 -23.01 -20.73
CA ASP A 281 14.53 -24.29 -21.36
C ASP A 281 13.41 -25.31 -21.23
N GLN A 282 12.61 -25.25 -20.17
CA GLN A 282 11.55 -26.23 -19.94
C GLN A 282 10.17 -25.59 -19.81
N ALA A 283 9.89 -24.60 -20.66
CA ALA A 283 8.55 -24.07 -20.88
C ALA A 283 7.92 -23.47 -19.63
N TRP A 284 8.47 -22.34 -19.17
CA TRP A 284 7.86 -21.53 -18.12
C TRP A 284 7.12 -20.37 -18.79
N ASP A 285 5.81 -20.29 -18.55
CA ASP A 285 5.00 -19.21 -19.08
C ASP A 285 4.89 -18.08 -18.07
N ALA A 286 4.03 -17.10 -18.35
CA ALA A 286 3.89 -15.93 -17.50
C ALA A 286 2.93 -16.16 -16.33
N GLN A 287 2.16 -17.26 -16.33
CA GLN A 287 1.29 -17.56 -15.21
C GLN A 287 1.96 -18.42 -14.15
N ARG A 288 2.81 -19.37 -14.54
CA ARG A 288 3.44 -20.26 -13.58
C ARG A 288 4.29 -19.47 -12.58
N ILE A 289 4.76 -18.29 -12.97
CA ILE A 289 5.42 -17.38 -12.05
C ILE A 289 4.41 -16.96 -10.98
N PHE A 290 3.20 -16.61 -11.40
CA PHE A 290 2.15 -16.16 -10.50
C PHE A 290 1.36 -17.30 -9.88
N LYS A 291 1.56 -18.54 -10.33
CA LYS A 291 0.96 -19.69 -9.66
C LYS A 291 1.83 -20.25 -8.55
N GLU A 292 3.14 -20.04 -8.59
CA GLU A 292 4.02 -20.44 -7.51
C GLU A 292 4.21 -19.37 -6.45
N ALA A 293 3.99 -18.10 -6.80
CA ALA A 293 3.96 -17.06 -5.76
C ALA A 293 2.74 -17.21 -4.86
N GLU A 294 1.65 -17.76 -5.39
CA GLU A 294 0.49 -18.08 -4.57
C GLU A 294 0.77 -19.19 -3.56
N LYS A 295 1.41 -20.27 -4.00
CA LYS A 295 1.64 -21.44 -3.16
C LYS A 295 2.69 -21.18 -2.08
N PHE A 296 3.35 -20.02 -2.13
CA PHE A 296 4.22 -19.58 -1.05
C PHE A 296 3.42 -19.03 0.12
N PHE A 297 2.59 -18.02 -0.13
CA PHE A 297 1.73 -17.45 0.90
C PHE A 297 0.74 -18.47 1.42
N VAL A 298 0.18 -19.30 0.52
CA VAL A 298 -0.70 -20.37 0.96
C VAL A 298 0.03 -21.36 1.85
N SER A 299 1.28 -21.67 1.50
CA SER A 299 2.05 -22.61 2.32
C SER A 299 2.32 -22.06 3.70
N VAL A 300 2.65 -20.77 3.80
CA VAL A 300 3.10 -20.24 5.08
C VAL A 300 1.94 -20.11 6.06
N GLY A 301 1.04 -19.15 5.81
CA GLY A 301 -0.15 -19.03 6.62
C GLY A 301 -1.33 -18.38 5.92
N LEU A 302 -1.22 -18.15 4.62
CA LEU A 302 -2.10 -17.04 4.25
C LEU A 302 -3.11 -17.45 3.19
N PRO A 303 -4.23 -16.71 3.08
CA PRO A 303 -5.26 -17.06 2.11
C PRO A 303 -4.81 -16.92 0.66
N ASN A 304 -5.54 -17.56 -0.24
CA ASN A 304 -5.25 -17.58 -1.67
C ASN A 304 -5.95 -16.41 -2.36
N MET A 305 -5.56 -16.17 -3.60
CA MET A 305 -6.09 -15.05 -4.36
C MET A 305 -7.52 -15.31 -4.81
N THR A 306 -8.25 -14.23 -5.06
CA THR A 306 -9.65 -14.28 -5.45
C THR A 306 -9.80 -14.63 -6.92
N GLN A 307 -11.02 -14.98 -7.31
CA GLN A 307 -11.31 -15.31 -8.70
C GLN A 307 -11.18 -14.07 -9.58
N GLY A 308 -11.59 -12.92 -9.06
CA GLY A 308 -11.55 -11.69 -9.83
C GLY A 308 -10.14 -11.21 -10.11
N PHE A 309 -9.18 -11.64 -9.29
CA PHE A 309 -7.77 -11.36 -9.52
C PHE A 309 -7.20 -12.12 -10.71
N TRP A 310 -7.77 -13.27 -11.04
CA TRP A 310 -7.28 -14.10 -12.13
C TRP A 310 -7.93 -13.78 -13.48
N GLU A 311 -8.86 -12.84 -13.52
CA GLU A 311 -9.55 -12.49 -14.76
C GLU A 311 -9.61 -10.99 -15.03
N ASN A 312 -9.35 -10.14 -14.04
CA ASN A 312 -9.41 -8.69 -14.23
C ASN A 312 -8.04 -8.04 -14.07
N SER A 313 -6.98 -8.84 -14.10
CA SER A 313 -5.63 -8.33 -13.86
C SER A 313 -4.79 -8.54 -15.11
N MET A 314 -4.08 -7.50 -15.52
CA MET A 314 -3.18 -7.59 -16.68
C MET A 314 -1.82 -8.08 -16.18
N LEU A 315 -1.50 -9.34 -16.48
CA LEU A 315 -0.26 -9.95 -16.03
C LEU A 315 0.77 -10.10 -17.15
N THR A 316 0.36 -9.95 -18.40
CA THR A 316 1.27 -10.06 -19.54
C THR A 316 1.03 -8.88 -20.46
N ASP A 317 2.11 -8.43 -21.11
CA ASP A 317 2.03 -7.27 -21.99
C ASP A 317 1.03 -7.51 -23.11
N PRO A 318 0.19 -6.53 -23.44
CA PRO A 318 -0.84 -6.77 -24.48
C PRO A 318 -0.28 -6.81 -25.89
N GLY A 319 0.77 -6.04 -26.18
CA GLY A 319 1.33 -6.01 -27.52
C GLY A 319 0.38 -5.33 -28.51
N ASN A 320 0.64 -5.60 -29.78
CA ASN A 320 -0.16 -5.09 -30.90
C ASN A 320 -0.16 -3.56 -30.84
N VAL A 321 -1.26 -2.94 -31.24
CA VAL A 321 -1.35 -1.48 -31.27
C VAL A 321 -1.70 -0.90 -29.91
N GLN A 322 -2.48 -1.61 -29.09
CA GLN A 322 -2.88 -1.10 -27.80
C GLN A 322 -1.67 -0.83 -26.92
N LYS A 323 -1.65 0.35 -26.31
CA LYS A 323 -0.51 0.79 -25.50
C LYS A 323 -0.80 0.51 -24.03
N ALA A 324 0.23 0.08 -23.30
CA ALA A 324 0.14 -0.17 -21.87
C ALA A 324 1.38 0.39 -21.19
N VAL A 325 1.18 1.08 -20.07
CA VAL A 325 2.30 1.63 -19.31
C VAL A 325 2.81 0.57 -18.36
N CYS A 326 3.98 0.02 -18.65
CA CYS A 326 4.61 -1.01 -17.81
C CYS A 326 5.28 -0.35 -16.61
N HIS A 327 4.72 -0.62 -15.43
CA HIS A 327 5.34 -0.37 -14.14
C HIS A 327 4.69 -1.27 -13.10
N PRO A 328 5.46 -2.11 -12.43
CA PRO A 328 4.88 -3.06 -11.48
C PRO A 328 4.12 -2.34 -10.35
N THR A 329 2.80 -2.54 -10.33
CA THR A 329 1.96 -1.92 -9.32
C THR A 329 0.98 -2.93 -8.72
N ALA A 330 0.36 -2.56 -7.59
CA ALA A 330 -0.66 -3.38 -6.96
C ALA A 330 -1.86 -2.50 -6.59
N TRP A 331 -3.01 -2.77 -7.19
CA TRP A 331 -4.16 -1.87 -7.10
C TRP A 331 -5.20 -2.44 -6.15
N ASP A 332 -5.66 -1.60 -5.22
CA ASP A 332 -6.80 -1.92 -4.37
C ASP A 332 -7.92 -0.95 -4.72
N LEU A 333 -8.83 -1.37 -5.59
CA LEU A 333 -9.90 -0.53 -6.09
C LEU A 333 -11.06 -0.41 -5.12
N GLY A 334 -11.06 -1.17 -4.04
CA GLY A 334 -12.19 -1.22 -3.14
C GLY A 334 -13.24 -2.23 -3.57
N LYS A 335 -14.18 -2.48 -2.68
CA LYS A 335 -15.24 -3.46 -2.89
C LYS A 335 -14.67 -4.82 -3.27
N GLY A 336 -13.58 -5.22 -2.62
CA GLY A 336 -12.96 -6.49 -2.91
C GLY A 336 -12.40 -6.64 -4.31
N ASP A 337 -11.83 -5.59 -4.87
CA ASP A 337 -11.28 -5.61 -6.22
C ASP A 337 -9.76 -5.40 -6.12
N PHE A 338 -9.01 -6.50 -6.16
CA PHE A 338 -7.56 -6.48 -6.13
C PHE A 338 -7.03 -6.95 -7.47
N ARG A 339 -6.04 -6.24 -8.00
CA ARG A 339 -5.46 -6.58 -9.29
C ARG A 339 -4.05 -6.03 -9.38
N ILE A 340 -3.24 -6.61 -10.26
CA ILE A 340 -1.84 -6.27 -10.42
C ILE A 340 -1.59 -5.95 -11.90
N LEU A 341 -0.94 -4.81 -12.16
CA LEU A 341 -0.59 -4.42 -13.51
C LEU A 341 0.93 -4.44 -13.66
N MET A 342 1.43 -5.42 -14.42
CA MET A 342 2.86 -5.52 -14.71
C MET A 342 3.12 -6.46 -15.87
N CYS A 343 3.89 -6.02 -16.86
CA CYS A 343 4.26 -6.88 -17.96
C CYS A 343 5.52 -7.66 -17.60
N THR A 344 5.43 -8.99 -17.70
CA THR A 344 6.46 -9.87 -17.16
C THR A 344 7.08 -10.69 -18.29
N LYS A 345 8.41 -10.81 -18.26
CA LYS A 345 9.13 -11.73 -19.11
C LYS A 345 9.33 -13.04 -18.36
N VAL A 346 10.19 -13.91 -18.87
CA VAL A 346 10.57 -15.13 -18.17
C VAL A 346 12.02 -14.95 -17.76
N THR A 347 12.23 -14.38 -16.58
CA THR A 347 13.56 -14.09 -16.05
C THR A 347 13.51 -14.30 -14.54
N MET A 348 14.61 -13.96 -13.86
CA MET A 348 14.69 -14.04 -12.41
C MET A 348 14.24 -12.76 -11.71
N ASP A 349 14.50 -11.59 -12.29
CA ASP A 349 14.06 -10.34 -11.68
C ASP A 349 12.54 -10.25 -11.65
N ASP A 350 11.87 -10.69 -12.71
CA ASP A 350 10.41 -10.73 -12.71
C ASP A 350 9.89 -11.70 -11.67
N PHE A 351 10.56 -12.84 -11.50
CA PHE A 351 10.14 -13.83 -10.52
C PHE A 351 10.19 -13.25 -9.11
N LEU A 352 11.24 -12.51 -8.79
CA LEU A 352 11.38 -11.89 -7.48
C LEU A 352 10.50 -10.67 -7.30
N THR A 353 10.18 -9.95 -8.38
CA THR A 353 9.26 -8.81 -8.30
C THR A 353 7.82 -9.26 -8.12
N ALA A 354 7.49 -10.45 -8.63
CA ALA A 354 6.15 -11.01 -8.47
C ALA A 354 5.83 -11.21 -6.98
N HIS A 355 6.81 -11.69 -6.22
CA HIS A 355 6.60 -11.87 -4.77
C HIS A 355 6.37 -10.54 -4.07
N HIS A 356 7.13 -9.52 -4.44
CA HIS A 356 6.93 -8.17 -3.93
C HIS A 356 5.50 -7.68 -4.18
N GLU A 357 5.06 -7.78 -5.44
CA GLU A 357 3.75 -7.26 -5.80
C GLU A 357 2.61 -8.09 -5.24
N MET A 358 2.81 -9.38 -5.02
CA MET A 358 1.81 -10.21 -4.36
C MET A 358 1.76 -9.98 -2.86
N GLY A 359 2.89 -9.64 -2.24
CA GLY A 359 2.89 -9.25 -0.84
C GLY A 359 2.16 -7.95 -0.63
N HIS A 360 2.31 -7.02 -1.58
CA HIS A 360 1.54 -5.78 -1.51
C HIS A 360 0.05 -6.06 -1.48
N ILE A 361 -0.42 -6.97 -2.33
CA ILE A 361 -1.84 -7.35 -2.38
C ILE A 361 -2.25 -8.01 -1.06
N GLN A 362 -1.42 -8.92 -0.57
CA GLN A 362 -1.72 -9.65 0.66
C GLN A 362 -1.75 -8.77 1.90
N TYR A 363 -1.05 -7.65 1.90
CA TYR A 363 -1.17 -6.69 3.00
C TYR A 363 -2.50 -5.94 2.91
N ASP A 364 -2.99 -5.71 1.70
CA ASP A 364 -4.24 -4.97 1.49
C ASP A 364 -5.46 -5.75 1.93
N MET A 365 -5.52 -7.06 1.69
CA MET A 365 -6.67 -7.87 2.05
C MET A 365 -6.87 -8.01 3.55
N ALA A 366 -5.83 -7.78 4.35
CA ALA A 366 -5.90 -7.97 5.79
C ALA A 366 -6.65 -6.85 6.50
N TYR A 367 -6.53 -5.60 6.06
CA TYR A 367 -7.18 -4.48 6.73
C TYR A 367 -8.37 -3.95 5.95
N ALA A 368 -9.00 -4.78 5.12
CA ALA A 368 -10.20 -4.42 4.39
C ALA A 368 -11.42 -4.32 5.30
N ALA A 369 -11.31 -4.81 6.54
CA ALA A 369 -12.39 -4.74 7.51
C ALA A 369 -12.40 -3.46 8.33
N GLN A 370 -11.32 -2.68 8.31
CA GLN A 370 -11.25 -1.42 9.03
C GLN A 370 -12.05 -0.35 8.30
N PRO A 371 -12.40 0.75 8.98
CA PRO A 371 -13.07 1.87 8.30
C PRO A 371 -12.24 2.43 7.15
N PHE A 372 -12.85 3.29 6.34
CA PHE A 372 -12.20 3.77 5.12
C PHE A 372 -10.91 4.52 5.44
N LEU A 373 -10.94 5.39 6.45
CA LEU A 373 -9.82 6.27 6.74
C LEU A 373 -8.68 5.57 7.48
N LEU A 374 -8.88 4.33 7.92
CA LEU A 374 -7.83 3.59 8.64
C LEU A 374 -7.38 2.37 7.85
N ARG A 375 -7.29 2.46 6.53
CA ARG A 375 -6.82 1.38 5.67
C ARG A 375 -5.50 1.80 5.06
N ASN A 376 -4.40 1.56 5.77
CA ASN A 376 -3.06 1.84 5.30
C ASN A 376 -2.09 1.16 6.25
N GLY A 377 -0.80 1.19 5.93
CA GLY A 377 0.24 0.67 6.81
C GLY A 377 0.36 1.57 8.04
N ALA A 378 1.00 1.05 9.08
CA ALA A 378 1.11 1.76 10.34
C ALA A 378 1.82 3.09 10.16
N ASN A 379 2.89 3.12 9.37
CA ASN A 379 3.54 4.35 8.98
C ASN A 379 4.00 4.26 7.52
N GLU A 380 4.84 5.19 7.10
CA GLU A 380 5.30 5.26 5.72
C GLU A 380 6.44 4.30 5.41
N GLY A 381 6.69 3.32 6.28
CA GLY A 381 7.73 2.35 6.01
C GLY A 381 7.31 0.91 6.25
N PHE A 382 6.10 0.71 6.76
CA PHE A 382 5.58 -0.63 7.02
C PHE A 382 5.08 -1.34 5.78
N HIS A 383 4.75 -0.61 4.72
CA HIS A 383 4.09 -1.23 3.59
C HIS A 383 5.07 -1.73 2.53
N GLU A 384 6.27 -1.17 2.46
CA GLU A 384 7.31 -1.64 1.55
C GLU A 384 8.39 -2.43 2.26
N ALA A 385 8.21 -2.68 3.56
CA ALA A 385 9.13 -3.53 4.31
C ALA A 385 8.50 -4.91 4.48
N VAL A 386 7.18 -4.99 4.32
CA VAL A 386 6.46 -6.25 4.32
C VAL A 386 6.49 -6.93 2.96
N GLY A 387 6.34 -6.18 1.87
CA GLY A 387 6.39 -6.75 0.54
C GLY A 387 7.79 -6.98 0.04
N GLU A 388 8.79 -6.71 0.89
CA GLU A 388 10.18 -6.87 0.49
C GLU A 388 10.88 -8.01 1.20
N ILE A 389 10.38 -8.50 2.33
CA ILE A 389 10.97 -9.64 3.02
C ILE A 389 10.52 -10.92 2.35
N MET A 390 9.49 -10.83 1.50
CA MET A 390 9.07 -11.98 0.71
C MET A 390 9.99 -12.27 -0.46
N SER A 391 10.71 -11.27 -0.98
CA SER A 391 11.75 -11.50 -1.97
C SER A 391 13.06 -11.95 -1.36
N LEU A 392 13.23 -11.78 -0.05
CA LEU A 392 14.40 -12.28 0.66
C LEU A 392 14.37 -13.78 0.84
N SER A 393 13.18 -14.39 0.87
CA SER A 393 13.04 -15.82 1.05
C SER A 393 12.78 -16.58 -0.24
N ALA A 394 12.51 -15.88 -1.35
CA ALA A 394 12.22 -16.51 -2.63
C ALA A 394 13.46 -16.56 -3.53
N ALA A 395 14.62 -16.19 -2.99
CA ALA A 395 15.85 -16.21 -3.76
C ALA A 395 16.96 -17.03 -3.13
N THR A 396 16.75 -17.59 -1.95
CA THR A 396 17.77 -18.39 -1.28
C THR A 396 18.00 -19.70 -2.04
N PRO A 397 19.21 -20.25 -2.01
CA PRO A 397 19.45 -21.52 -2.71
C PRO A 397 18.96 -22.73 -1.93
N LYS A 398 17.80 -22.59 -1.31
CA LYS A 398 17.04 -23.69 -0.74
C LYS A 398 15.59 -23.70 -1.21
N HIS A 399 15.00 -22.50 -1.35
CA HIS A 399 13.67 -22.39 -1.94
C HIS A 399 13.68 -22.78 -3.40
N LEU A 400 14.75 -22.42 -4.14
CA LEU A 400 14.83 -22.69 -5.57
C LEU A 400 14.98 -24.17 -5.87
N LYS A 401 15.73 -24.91 -5.04
CA LYS A 401 15.83 -26.35 -5.23
C LYS A 401 14.48 -27.03 -5.03
N SER A 402 13.73 -26.58 -4.03
CA SER A 402 12.43 -27.16 -3.68
C SER A 402 11.37 -26.90 -4.73
N ILE A 403 11.59 -26.03 -5.71
CA ILE A 403 10.60 -25.80 -6.75
C ILE A 403 11.03 -26.30 -8.12
N GLY A 404 12.27 -26.76 -8.27
CA GLY A 404 12.67 -27.43 -9.49
C GLY A 404 13.35 -26.57 -10.53
N LEU A 405 14.30 -25.73 -10.11
CA LEU A 405 14.94 -24.76 -11.04
C LEU A 405 16.45 -24.77 -10.82
N LEU A 406 16.92 -24.90 -9.57
CA LEU A 406 18.39 -25.03 -9.28
C LEU A 406 18.72 -26.52 -9.22
N SER A 407 19.66 -26.96 -10.05
CA SER A 407 20.11 -28.36 -10.06
C SER A 407 20.09 -28.99 -8.68
N PRO A 408 19.53 -30.19 -8.56
CA PRO A 408 19.39 -30.94 -7.30
C PRO A 408 20.69 -31.50 -6.74
N ASP A 409 21.78 -31.40 -7.50
CA ASP A 409 23.13 -31.70 -7.01
C ASP A 409 23.98 -30.47 -6.73
N PHE A 410 23.38 -29.28 -6.60
CA PHE A 410 24.15 -28.06 -6.44
C PHE A 410 24.83 -28.01 -5.07
N GLN A 411 26.07 -27.52 -5.06
CA GLN A 411 26.83 -27.39 -3.82
C GLN A 411 26.95 -25.91 -3.42
N GLU A 412 26.99 -25.64 -2.12
CA GLU A 412 27.06 -24.27 -1.63
C GLU A 412 28.45 -23.95 -1.09
N ASP A 413 29.28 -23.32 -1.92
CA ASP A 413 30.62 -22.94 -1.51
C ASP A 413 30.58 -21.61 -0.76
N ASN A 414 31.56 -21.39 0.12
CA ASN A 414 31.63 -20.16 0.88
C ASN A 414 32.38 -19.06 0.14
N GLU A 415 32.84 -19.34 -1.08
CA GLU A 415 33.41 -18.32 -1.95
C GLU A 415 32.33 -17.63 -2.77
N THR A 416 31.10 -18.13 -2.67
CA THR A 416 29.96 -17.51 -3.34
C THR A 416 29.08 -16.70 -2.41
N GLU A 417 29.08 -16.99 -1.11
CA GLU A 417 28.31 -16.18 -0.16
C GLU A 417 28.78 -14.73 -0.15
N ILE A 418 30.10 -14.52 -0.21
CA ILE A 418 30.64 -13.17 -0.22
C ILE A 418 30.22 -12.41 -1.46
N ASN A 419 30.21 -13.07 -2.62
CA ASN A 419 29.75 -12.47 -3.85
C ASN A 419 28.29 -12.02 -3.78
N PHE A 420 27.42 -12.83 -3.18
CA PHE A 420 26.03 -12.46 -2.99
C PHE A 420 25.86 -11.38 -1.94
N LEU A 421 26.74 -11.34 -0.93
CA LEU A 421 26.65 -10.36 0.15
C LEU A 421 27.12 -8.97 -0.28
N LEU A 422 28.11 -8.87 -1.16
CA LEU A 422 28.48 -7.56 -1.72
C LEU A 422 27.45 -7.01 -2.69
N LYS A 423 26.86 -7.83 -3.54
CA LYS A 423 25.71 -7.38 -4.34
C LYS A 423 24.62 -6.79 -3.46
N GLN A 424 24.38 -7.41 -2.31
CA GLN A 424 23.33 -6.96 -1.41
C GLN A 424 23.79 -5.84 -0.48
N ALA A 425 25.09 -5.58 -0.39
CA ALA A 425 25.61 -4.49 0.41
C ALA A 425 25.83 -3.22 -0.39
N LEU A 426 26.01 -3.35 -1.71
CA LEU A 426 26.22 -2.21 -2.59
C LEU A 426 24.92 -1.43 -2.74
N THR A 427 23.80 -2.01 -2.30
CA THR A 427 22.48 -1.42 -2.46
C THR A 427 21.87 -0.99 -1.13
N ILE A 428 22.22 -1.66 -0.03
CA ILE A 428 21.58 -1.43 1.25
C ILE A 428 22.48 -0.60 2.16
N VAL A 429 23.77 -0.93 2.21
CA VAL A 429 24.68 -0.29 3.14
C VAL A 429 25.28 0.95 2.47
N GLY A 430 25.22 1.00 1.15
CA GLY A 430 25.82 2.09 0.41
C GLY A 430 24.86 3.21 0.05
N THR A 431 23.66 3.19 0.64
CA THR A 431 22.68 4.24 0.40
C THR A 431 22.16 4.91 1.67
N LEU A 432 22.39 4.32 2.83
CA LEU A 432 21.90 4.88 4.09
C LEU A 432 22.54 6.23 4.40
N PRO A 433 23.88 6.38 4.30
CA PRO A 433 24.46 7.71 4.53
C PRO A 433 23.95 8.78 3.59
N PHE A 434 23.69 8.45 2.32
CA PHE A 434 23.18 9.42 1.38
C PHE A 434 21.79 9.92 1.79
N THR A 435 20.90 8.98 2.15
CA THR A 435 19.56 9.36 2.60
C THR A 435 19.62 10.20 3.87
N TYR A 436 20.41 9.76 4.84
CA TYR A 436 20.56 10.49 6.10
C TYR A 436 21.04 11.91 5.85
N MET A 437 22.08 12.06 5.03
CA MET A 437 22.65 13.37 4.77
C MET A 437 21.67 14.28 4.03
N LEU A 438 20.99 13.75 3.01
CA LEU A 438 20.05 14.57 2.26
C LEU A 438 18.91 15.06 3.14
N GLU A 439 18.33 14.15 3.94
CA GLU A 439 17.22 14.57 4.79
C GLU A 439 17.69 15.53 5.89
N LYS A 440 18.91 15.34 6.40
CA LYS A 440 19.43 16.27 7.42
C LYS A 440 19.66 17.65 6.82
N TRP A 441 20.17 17.71 5.59
CA TRP A 441 20.32 18.98 4.89
C TRP A 441 18.98 19.68 4.73
N ARG A 442 17.96 18.93 4.29
CA ARG A 442 16.64 19.54 4.13
C ARG A 442 16.08 20.02 5.46
N TRP A 443 16.29 19.24 6.53
CA TRP A 443 15.82 19.63 7.85
C TRP A 443 16.48 20.92 8.31
N MET A 444 17.80 21.05 8.16
CA MET A 444 18.46 22.28 8.54
C MET A 444 18.05 23.48 7.68
N VAL A 445 17.87 23.28 6.38
CA VAL A 445 17.42 24.37 5.52
C VAL A 445 16.04 24.85 5.95
N PHE A 446 15.14 23.91 6.25
CA PHE A 446 13.79 24.28 6.64
C PHE A 446 13.75 24.92 8.02
N LYS A 447 14.55 24.44 8.96
CA LYS A 447 14.58 25.02 10.30
C LYS A 447 15.14 26.44 10.27
N GLY A 448 16.30 26.62 9.63
CA GLY A 448 16.87 27.94 9.50
C GLY A 448 18.32 28.07 9.94
N GLU A 449 18.96 26.96 10.31
CA GLU A 449 20.37 27.03 10.69
C GLU A 449 21.30 27.22 9.50
N ILE A 450 20.79 27.07 8.27
CA ILE A 450 21.62 27.21 7.08
C ILE A 450 21.18 28.47 6.32
N PRO A 451 21.94 29.56 6.41
CA PRO A 451 21.57 30.78 5.68
C PRO A 451 21.60 30.57 4.17
N LYS A 452 20.87 31.45 3.48
CA LYS A 452 20.64 31.31 2.04
C LYS A 452 21.92 31.35 1.23
N ASP A 453 22.96 32.04 1.70
CA ASP A 453 24.19 32.15 0.92
C ASP A 453 25.20 31.07 1.23
N GLN A 454 25.12 30.44 2.39
CA GLN A 454 25.90 29.22 2.68
C GLN A 454 25.01 27.99 2.51
N TRP A 455 24.50 27.78 1.29
CA TRP A 455 23.73 26.59 0.97
C TRP A 455 24.63 25.51 0.36
N MET A 456 25.32 25.82 -0.74
CA MET A 456 26.09 24.81 -1.45
C MET A 456 27.42 24.54 -0.76
N LYS A 457 27.79 25.39 0.20
CA LYS A 457 28.96 25.15 1.03
C LYS A 457 28.72 24.01 2.01
N LYS A 458 27.58 24.01 2.68
CA LYS A 458 27.26 22.98 3.64
C LYS A 458 26.99 21.63 2.98
N TRP A 459 26.43 21.63 1.77
CA TRP A 459 26.22 20.39 1.03
C TRP A 459 27.53 19.65 0.83
N TRP A 460 28.53 20.34 0.29
CA TRP A 460 29.82 19.73 -0.03
C TRP A 460 30.77 19.75 1.16
N GLU A 461 30.25 19.93 2.37
CA GLU A 461 30.97 19.59 3.58
C GLU A 461 30.36 18.40 4.31
N MET A 462 29.05 18.20 4.22
CA MET A 462 28.42 16.98 4.70
C MET A 462 28.62 15.81 3.74
N LYS A 463 28.84 16.07 2.45
CA LYS A 463 29.36 15.02 1.57
C LYS A 463 30.74 14.55 1.99
N ARG A 464 31.55 15.42 2.58
CA ARG A 464 32.91 15.05 2.96
C ARG A 464 32.92 14.12 4.18
N GLU A 465 32.21 14.50 5.24
CA GLU A 465 32.36 13.86 6.54
C GLU A 465 31.33 12.77 6.81
N ILE A 466 30.17 12.84 6.16
CA ILE A 466 29.14 11.82 6.38
C ILE A 466 29.17 10.72 5.33
N VAL A 467 29.33 11.06 4.06
CA VAL A 467 29.27 10.09 2.97
C VAL A 467 30.69 9.69 2.56
N GLY A 468 31.55 10.68 2.37
CA GLY A 468 32.87 10.45 1.86
C GLY A 468 33.04 10.72 0.38
N VAL A 469 32.43 11.78 -0.14
CA VAL A 469 32.42 12.08 -1.57
C VAL A 469 32.87 13.52 -1.76
N VAL A 470 33.77 13.74 -2.73
CA VAL A 470 34.42 15.02 -2.91
C VAL A 470 34.02 15.60 -4.26
N GLU A 471 34.01 16.92 -4.33
CA GLU A 471 33.76 17.65 -5.57
C GLU A 471 34.83 17.32 -6.60
N PRO A 472 34.46 16.93 -7.82
CA PRO A 472 35.47 16.87 -8.88
C PRO A 472 35.84 18.24 -9.44
N VAL A 473 34.99 19.23 -9.21
CA VAL A 473 35.19 20.59 -9.70
C VAL A 473 34.37 21.49 -8.77
N PRO A 474 34.91 22.60 -8.26
CA PRO A 474 34.23 23.29 -7.17
C PRO A 474 33.03 24.13 -7.62
N HIS A 475 32.04 24.19 -6.75
CA HIS A 475 30.77 24.85 -7.04
C HIS A 475 30.61 26.07 -6.15
N ASP A 476 30.20 27.18 -6.75
CA ASP A 476 29.93 28.40 -6.02
C ASP A 476 28.44 28.47 -5.68
N GLU A 477 28.02 29.63 -5.19
CA GLU A 477 26.64 29.79 -4.73
C GLU A 477 25.73 30.21 -5.89
N THR A 478 25.80 29.43 -6.97
CA THR A 478 24.95 29.61 -8.12
C THR A 478 24.20 28.36 -8.54
N TYR A 479 24.62 27.17 -8.08
CA TYR A 479 23.95 25.92 -8.39
C TYR A 479 22.99 25.55 -7.28
N CYS A 480 22.11 24.59 -7.57
CA CYS A 480 21.29 23.92 -6.55
C CYS A 480 21.44 22.43 -6.81
N ASP A 481 22.51 21.85 -6.25
CA ASP A 481 22.81 20.45 -6.51
C ASP A 481 21.73 19.48 -6.02
N PRO A 482 21.22 19.57 -4.79
CA PRO A 482 20.16 18.62 -4.38
C PRO A 482 18.93 18.66 -5.27
N ALA A 483 18.60 19.81 -5.86
CA ALA A 483 17.48 19.91 -6.77
C ALA A 483 17.64 19.05 -8.02
N SER A 484 18.86 18.60 -8.31
CA SER A 484 19.06 17.71 -9.45
C SER A 484 18.45 16.33 -9.25
N LEU A 485 18.13 15.96 -8.01
CA LEU A 485 17.51 14.68 -7.72
C LEU A 485 15.99 14.80 -7.88
N PHE A 486 15.36 13.66 -8.16
CA PHE A 486 13.92 13.61 -8.44
C PHE A 486 13.05 14.00 -7.25
N HIS A 487 13.39 13.55 -6.05
CA HIS A 487 12.54 13.77 -4.88
C HIS A 487 12.74 15.14 -4.23
N VAL A 488 13.68 15.94 -4.72
CA VAL A 488 13.86 17.29 -4.23
C VAL A 488 13.12 18.32 -5.08
N SER A 489 13.15 18.17 -6.40
CA SER A 489 12.39 19.07 -7.28
C SER A 489 10.90 18.83 -7.06
N ASN A 490 10.44 17.62 -7.33
CA ASN A 490 9.08 17.22 -6.97
C ASN A 490 9.02 16.99 -5.47
N ASP A 491 8.01 17.56 -4.81
CA ASP A 491 7.96 17.56 -3.35
C ASP A 491 7.67 16.19 -2.78
N TYR A 492 8.70 15.52 -2.27
CA TYR A 492 8.53 14.22 -1.62
C TYR A 492 9.38 14.12 -0.37
N SER A 493 8.97 13.29 0.58
CA SER A 493 9.79 12.98 1.75
C SER A 493 10.84 11.96 1.35
N PHE A 494 11.87 11.80 2.17
CA PHE A 494 12.97 10.93 1.78
C PHE A 494 13.46 10.06 2.93
N ILE A 495 12.86 10.22 4.12
CA ILE A 495 13.27 9.41 5.26
C ILE A 495 12.65 8.01 5.24
N ARG A 496 11.60 7.81 4.46
CA ARG A 496 10.94 6.50 4.43
C ARG A 496 11.86 5.41 3.89
N TYR A 497 12.86 5.78 3.09
CA TYR A 497 13.81 4.81 2.58
C TYR A 497 14.87 4.42 3.62
N TYR A 498 14.96 5.17 4.72
CA TYR A 498 15.87 4.79 5.78
C TYR A 498 15.22 3.79 6.72
N THR A 499 14.12 4.20 7.37
CA THR A 499 13.50 3.38 8.39
C THR A 499 13.06 2.02 7.84
N ARG A 500 12.50 2.02 6.63
CA ARG A 500 12.10 0.77 6.00
C ARG A 500 13.26 -0.23 5.97
N THR A 501 14.46 0.25 5.62
CA THR A 501 15.62 -0.64 5.57
C THR A 501 15.87 -1.27 6.93
N LEU A 502 15.69 -0.51 8.01
CA LEU A 502 15.92 -1.07 9.34
C LEU A 502 14.76 -1.96 9.77
N TYR A 503 13.56 -1.75 9.21
CA TYR A 503 12.42 -2.56 9.62
C TYR A 503 12.51 -3.96 9.03
N GLN A 504 12.88 -4.07 7.76
CA GLN A 504 12.81 -5.35 7.05
C GLN A 504 13.75 -6.39 7.63
N PHE A 505 14.78 -5.97 8.37
CA PHE A 505 15.65 -6.93 9.02
C PHE A 505 15.22 -7.24 10.45
N GLN A 506 14.45 -6.35 11.06
CA GLN A 506 13.84 -6.68 12.34
C GLN A 506 12.75 -7.72 12.18
N PHE A 507 11.98 -7.62 11.10
CA PHE A 507 10.90 -8.58 10.85
C PHE A 507 11.46 -9.99 10.60
N GLN A 508 12.41 -10.09 9.67
CA GLN A 508 12.89 -11.39 9.22
C GLN A 508 13.45 -12.20 10.38
N GLU A 509 14.36 -11.61 11.16
CA GLU A 509 14.92 -12.32 12.31
C GLU A 509 13.84 -12.78 13.25
N ALA A 510 12.76 -12.01 13.38
CA ALA A 510 11.62 -12.47 14.16
C ALA A 510 10.98 -13.69 13.52
N LEU A 511 10.64 -13.59 12.24
CA LEU A 511 9.97 -14.70 11.55
C LEU A 511 10.87 -15.93 11.50
N CYS A 512 12.15 -15.74 11.20
CA CYS A 512 13.08 -16.85 11.19
C CYS A 512 13.25 -17.45 12.57
N GLN A 513 12.95 -16.68 13.62
CA GLN A 513 12.97 -17.24 14.97
C GLN A 513 11.78 -18.16 15.20
N ALA A 514 10.65 -17.87 14.55
CA ALA A 514 9.47 -18.71 14.69
C ALA A 514 9.53 -19.95 13.81
N ALA A 515 10.46 -19.99 12.86
CA ALA A 515 10.64 -21.15 11.99
C ALA A 515 11.71 -22.11 12.49
N LYS A 516 12.31 -21.83 13.65
CA LYS A 516 13.36 -22.67 14.23
C LYS A 516 14.53 -22.84 13.27
N HIS A 517 14.87 -21.76 12.56
CA HIS A 517 15.95 -21.80 11.59
C HIS A 517 17.30 -21.83 12.30
N GLU A 518 18.23 -22.61 11.76
CA GLU A 518 19.58 -22.74 12.32
C GLU A 518 20.59 -22.37 11.24
N GLY A 519 21.55 -21.52 11.59
CA GLY A 519 22.56 -21.10 10.67
C GLY A 519 22.53 -19.61 10.41
N PRO A 520 23.19 -19.17 9.34
CA PRO A 520 23.20 -17.75 9.00
C PRO A 520 21.80 -17.24 8.67
N LEU A 521 21.54 -15.99 9.05
CA LEU A 521 20.24 -15.39 8.82
C LEU A 521 19.95 -15.22 7.33
N HIS A 522 20.99 -14.94 6.54
CA HIS A 522 20.80 -14.72 5.11
C HIS A 522 20.43 -15.99 4.34
N LYS A 523 20.52 -17.15 4.97
CA LYS A 523 20.13 -18.41 4.35
C LYS A 523 18.76 -18.88 4.81
N CYS A 524 18.01 -18.04 5.51
CA CYS A 524 16.73 -18.42 6.09
C CYS A 524 15.65 -18.52 5.01
N ASP A 525 14.58 -19.25 5.36
CA ASP A 525 13.46 -19.47 4.45
C ASP A 525 12.22 -19.73 5.29
N ILE A 526 11.27 -18.81 5.25
CA ILE A 526 10.00 -19.00 5.95
C ILE A 526 9.00 -19.68 5.02
N SER A 527 9.06 -21.00 4.95
CA SER A 527 8.11 -21.80 4.19
C SER A 527 7.65 -22.98 5.02
N ASN A 528 6.39 -23.35 4.80
CA ASN A 528 5.72 -24.41 5.56
C ASN A 528 5.71 -24.07 7.05
N SER A 529 5.81 -22.79 7.37
CA SER A 529 5.90 -22.31 8.76
C SER A 529 4.57 -21.65 9.12
N THR A 530 3.80 -22.33 9.96
CA THR A 530 2.50 -21.82 10.40
C THR A 530 2.62 -20.90 11.60
N GLU A 531 3.80 -20.80 12.23
CA GLU A 531 4.01 -19.93 13.36
C GLU A 531 4.44 -18.53 12.97
N ALA A 532 5.21 -18.38 11.90
CA ALA A 532 5.61 -17.06 11.41
C ALA A 532 4.47 -16.35 10.68
N GLY A 533 3.68 -17.09 9.91
CA GLY A 533 2.59 -16.48 9.18
C GLY A 533 1.55 -15.86 10.08
N GLN A 534 1.20 -16.55 11.18
CA GLN A 534 0.24 -16.00 12.13
C GLN A 534 0.77 -14.73 12.79
N LYS A 535 2.06 -14.73 13.16
CA LYS A 535 2.65 -13.55 13.76
C LYS A 535 2.66 -12.38 12.79
N LEU A 536 2.96 -12.64 11.51
CA LEU A 536 2.92 -11.56 10.52
C LEU A 536 1.50 -11.06 10.30
N PHE A 537 0.52 -11.97 10.27
CA PHE A 537 -0.87 -11.56 10.07
C PHE A 537 -1.38 -10.75 11.25
N ASN A 538 -0.91 -11.05 12.46
CA ASN A 538 -1.33 -10.30 13.65
C ASN A 538 -0.81 -8.87 13.63
N MET A 539 0.04 -8.52 12.68
CA MET A 539 0.37 -7.12 12.40
C MET A 539 -0.29 -6.63 11.13
N LEU A 540 -0.46 -7.51 10.15
CA LEU A 540 -1.04 -7.11 8.86
C LEU A 540 -2.48 -6.67 9.03
N ARG A 541 -3.22 -7.32 9.94
CA ARG A 541 -4.67 -7.13 9.99
C ARG A 541 -5.07 -5.78 10.59
N LEU A 542 -4.22 -5.18 11.42
CA LEU A 542 -4.61 -3.96 12.13
C LEU A 542 -4.77 -2.75 11.21
N GLY A 543 -3.80 -2.47 10.35
CA GLY A 543 -3.86 -1.24 9.57
C GLY A 543 -3.34 -0.06 10.37
N LYS A 544 -4.10 1.03 10.37
CA LYS A 544 -3.77 2.22 11.14
C LYS A 544 -4.64 2.36 12.39
N SER A 545 -5.24 1.27 12.85
CA SER A 545 -6.09 1.34 14.02
C SER A 545 -5.30 1.50 15.32
N GLU A 546 -4.03 1.10 15.32
CA GLU A 546 -3.19 1.13 16.50
C GLU A 546 -1.87 1.81 16.16
N PRO A 547 -1.17 2.35 17.17
CA PRO A 547 0.11 3.02 16.90
C PRO A 547 1.13 2.06 16.31
N TRP A 548 2.03 2.61 15.49
CA TRP A 548 3.04 1.77 14.85
C TRP A 548 3.97 1.11 15.87
N THR A 549 4.10 1.71 17.06
CA THR A 549 4.90 1.08 18.11
C THR A 549 4.28 -0.25 18.56
N LEU A 550 2.96 -0.26 18.80
CA LEU A 550 2.28 -1.48 19.20
C LEU A 550 2.33 -2.54 18.10
N ALA A 551 2.11 -2.13 16.86
CA ALA A 551 2.17 -3.09 15.75
C ALA A 551 3.56 -3.68 15.60
N LEU A 552 4.59 -2.84 15.76
CA LEU A 552 5.96 -3.35 15.69
C LEU A 552 6.24 -4.31 16.84
N GLU A 553 5.79 -3.97 18.05
CA GLU A 553 5.99 -4.85 19.20
C GLU A 553 5.26 -6.16 19.04
N ASN A 554 4.14 -6.17 18.29
CA ASN A 554 3.40 -7.40 18.09
C ASN A 554 4.23 -8.44 17.34
N VAL A 555 5.21 -8.00 16.57
CA VAL A 555 6.01 -8.93 15.77
C VAL A 555 7.42 -9.10 16.33
N VAL A 556 8.12 -8.02 16.63
CA VAL A 556 9.53 -8.09 17.00
C VAL A 556 9.75 -8.05 18.50
N GLY A 557 8.78 -7.58 19.28
CA GLY A 557 8.95 -7.51 20.71
C GLY A 557 9.68 -6.28 21.22
N ALA A 558 9.90 -5.28 20.36
CA ALA A 558 10.54 -4.05 20.76
C ALA A 558 9.68 -2.87 20.33
N LYS A 559 9.80 -1.77 21.07
CA LYS A 559 8.99 -0.59 20.83
C LYS A 559 9.69 0.47 19.99
N ASN A 560 10.90 0.21 19.52
CA ASN A 560 11.70 1.22 18.83
C ASN A 560 12.50 0.58 17.71
N MET A 561 12.94 1.43 16.79
CA MET A 561 13.73 0.98 15.64
C MET A 561 15.13 0.58 16.08
N ASN A 562 15.64 -0.53 15.55
CA ASN A 562 16.92 -1.08 15.95
C ASN A 562 17.74 -1.45 14.71
N VAL A 563 19.06 -1.49 14.87
CA VAL A 563 19.98 -1.74 13.77
C VAL A 563 20.74 -3.05 13.93
N ARG A 564 20.71 -3.66 15.11
CA ARG A 564 21.44 -4.90 15.34
C ARG A 564 21.09 -6.02 14.35
N PRO A 565 19.81 -6.27 14.03
CA PRO A 565 19.52 -7.32 13.04
C PRO A 565 20.16 -7.06 11.68
N LEU A 566 20.29 -5.80 11.27
CA LEU A 566 20.95 -5.52 10.00
C LEU A 566 22.43 -5.86 10.05
N LEU A 567 23.10 -5.60 11.17
CA LEU A 567 24.49 -5.96 11.36
C LEU A 567 24.70 -7.46 11.49
N ASN A 568 23.72 -8.19 12.03
CA ASN A 568 23.79 -9.65 12.10
C ASN A 568 23.76 -10.28 10.71
N TYR A 569 22.96 -9.71 9.81
CA TYR A 569 22.81 -10.20 8.44
C TYR A 569 24.14 -10.11 7.69
N PHE A 570 24.86 -9.01 7.86
CA PHE A 570 26.10 -8.75 7.13
C PHE A 570 27.35 -9.09 7.94
N GLU A 571 27.30 -10.15 8.75
CA GLU A 571 28.42 -10.47 9.64
C GLU A 571 29.60 -11.10 8.90
N PRO A 572 29.42 -12.20 8.11
CA PRO A 572 30.58 -12.82 7.46
C PRO A 572 31.33 -11.87 6.53
N LEU A 573 30.58 -11.03 5.82
CA LEU A 573 31.16 -10.04 4.92
C LEU A 573 32.03 -9.07 5.72
N PHE A 574 31.59 -8.72 6.92
CA PHE A 574 32.36 -7.84 7.78
C PHE A 574 33.71 -8.46 8.13
N THR A 575 33.71 -9.74 8.50
CA THR A 575 34.95 -10.44 8.83
C THR A 575 35.88 -10.50 7.63
N TRP A 576 35.32 -10.84 6.46
CA TRP A 576 36.12 -10.92 5.24
C TRP A 576 36.74 -9.57 4.89
N LEU A 577 35.95 -8.51 4.98
CA LEU A 577 36.39 -7.16 4.66
C LEU A 577 37.48 -6.70 5.63
N LYS A 578 37.27 -6.93 6.93
CA LYS A 578 38.27 -6.58 7.92
C LYS A 578 39.57 -7.36 7.75
N ASP A 579 39.49 -8.64 7.37
CA ASP A 579 40.67 -9.45 7.11
C ASP A 579 41.40 -8.99 5.85
N GLN A 580 40.69 -8.50 4.84
CA GLN A 580 41.35 -8.12 3.59
C GLN A 580 41.80 -6.67 3.57
N ASN A 581 41.66 -5.96 4.69
CA ASN A 581 42.06 -4.56 4.79
C ASN A 581 43.17 -4.35 5.83
N LYS A 582 44.18 -5.21 5.83
CA LYS A 582 45.28 -5.12 6.77
C LYS A 582 46.44 -4.29 6.22
N ASN A 583 46.27 -3.74 5.01
CA ASN A 583 47.35 -2.96 4.40
C ASN A 583 46.83 -1.66 3.80
N SER A 584 45.66 -1.22 4.26
CA SER A 584 45.05 0.02 3.80
C SER A 584 44.68 0.89 5.00
N PHE A 585 44.16 2.08 4.73
CA PHE A 585 43.69 2.99 5.77
C PHE A 585 42.18 3.02 5.76
N VAL A 586 41.57 2.82 6.92
CA VAL A 586 40.12 2.89 7.07
C VAL A 586 39.81 4.34 7.46
N GLY A 587 38.88 4.95 6.73
CA GLY A 587 38.53 6.33 6.94
C GLY A 587 39.06 7.20 5.83
N TRP A 588 38.58 8.43 5.79
CA TRP A 588 38.95 9.39 4.75
C TRP A 588 39.26 10.74 5.38
N SER A 589 40.31 11.40 4.85
CA SER A 589 40.71 12.72 5.31
C SER A 589 39.99 13.77 4.50
N THR A 590 39.34 14.71 5.18
CA THR A 590 38.53 15.75 4.54
C THR A 590 39.36 16.96 4.14
N ASP A 591 40.49 16.76 3.47
CA ASP A 591 41.29 17.87 2.97
C ASP A 591 41.62 17.69 1.50
N TRP A 592 41.84 16.44 1.08
CA TRP A 592 42.22 16.13 -0.30
C TRP A 592 41.10 16.50 -1.28
N SER A 593 41.46 17.19 -2.36
CA SER A 593 40.53 17.58 -3.40
C SER A 593 41.13 17.32 -4.78
N PRO A 594 40.33 16.81 -5.73
CA PRO A 594 40.88 16.55 -7.07
C PRO A 594 41.41 17.80 -7.76
N TYR A 595 40.77 18.94 -7.56
CA TYR A 595 41.17 20.17 -8.23
C TYR A 595 42.17 20.99 -7.42
N ALA A 596 42.58 20.50 -6.25
CA ALA A 596 43.56 21.19 -5.40
C ALA A 596 43.13 22.62 -5.07
N THR B 1 -54.85 -31.97 -6.27
CA THR B 1 -53.40 -31.78 -6.19
C THR B 1 -53.00 -30.41 -6.70
N ASN B 2 -53.23 -29.38 -5.89
CA ASN B 2 -52.89 -28.01 -6.25
C ASN B 2 -51.49 -27.70 -5.75
N LEU B 3 -50.57 -27.43 -6.69
CA LEU B 3 -49.19 -27.14 -6.35
C LEU B 3 -49.06 -25.71 -5.84
N CYS B 4 -48.24 -25.53 -4.81
CA CYS B 4 -48.07 -24.20 -4.22
C CYS B 4 -47.27 -23.32 -5.17
N PRO B 5 -47.46 -21.99 -5.10
CA PRO B 5 -46.78 -21.08 -6.06
C PRO B 5 -45.33 -20.80 -5.69
N PHE B 6 -44.50 -21.84 -5.74
CA PHE B 6 -43.08 -21.67 -5.47
C PHE B 6 -42.34 -21.06 -6.65
N ASP B 7 -42.81 -21.29 -7.87
CA ASP B 7 -42.21 -20.67 -9.04
C ASP B 7 -42.37 -19.15 -9.04
N GLU B 8 -43.53 -18.64 -8.58
CA GLU B 8 -43.72 -17.21 -8.53
C GLU B 8 -42.81 -16.56 -7.49
N VAL B 9 -42.31 -17.36 -6.55
CA VAL B 9 -41.46 -16.82 -5.49
C VAL B 9 -39.99 -16.90 -5.86
N PHE B 10 -39.50 -18.11 -6.13
CA PHE B 10 -38.07 -18.28 -6.37
C PHE B 10 -37.66 -17.76 -7.75
N ASN B 11 -38.60 -17.69 -8.68
CA ASN B 11 -38.28 -17.34 -10.06
C ASN B 11 -38.92 -16.02 -10.49
N ALA B 12 -39.10 -15.09 -9.56
CA ALA B 12 -39.66 -13.78 -9.89
C ALA B 12 -38.67 -12.98 -10.73
N THR B 13 -39.20 -12.22 -11.68
CA THR B 13 -38.35 -11.41 -12.54
C THR B 13 -37.61 -10.33 -11.76
N ARG B 14 -38.31 -9.64 -10.86
CA ARG B 14 -37.72 -8.56 -10.09
C ARG B 14 -38.05 -8.76 -8.62
N PHE B 15 -37.07 -8.53 -7.75
CA PHE B 15 -37.26 -8.63 -6.31
C PHE B 15 -37.42 -7.24 -5.71
N ALA B 16 -37.55 -7.20 -4.39
CA ALA B 16 -37.86 -5.97 -3.68
C ALA B 16 -36.71 -5.51 -2.81
N SER B 17 -36.76 -4.24 -2.40
CA SER B 17 -35.74 -3.69 -1.51
C SER B 17 -35.92 -4.27 -0.11
N VAL B 18 -34.86 -4.17 0.70
CA VAL B 18 -34.87 -4.83 2.01
C VAL B 18 -35.82 -4.11 2.96
N TYR B 19 -35.82 -2.77 2.95
CA TYR B 19 -36.70 -2.04 3.85
C TYR B 19 -38.16 -2.14 3.42
N ALA B 20 -38.42 -2.67 2.23
CA ALA B 20 -39.76 -2.92 1.72
C ALA B 20 -39.90 -4.37 1.26
N TRP B 21 -39.48 -5.30 2.11
CA TRP B 21 -39.42 -6.71 1.73
C TRP B 21 -40.80 -7.24 1.38
N ASN B 22 -40.83 -8.19 0.45
CA ASN B 22 -42.09 -8.72 -0.08
C ASN B 22 -42.55 -9.91 0.74
N ARG B 23 -43.85 -9.97 1.01
CA ARG B 23 -44.45 -11.07 1.75
C ARG B 23 -45.52 -11.75 0.91
N LYS B 24 -45.46 -13.07 0.81
CA LYS B 24 -46.41 -13.87 0.06
C LYS B 24 -47.00 -14.92 1.00
N ARG B 25 -48.31 -15.12 0.91
CA ARG B 25 -49.01 -16.05 1.79
C ARG B 25 -49.35 -17.32 1.04
N ILE B 26 -48.82 -18.45 1.52
CA ILE B 26 -49.02 -19.76 0.93
C ILE B 26 -49.94 -20.56 1.84
N SER B 27 -51.07 -20.98 1.30
CA SER B 27 -52.04 -21.77 2.07
C SER B 27 -52.94 -22.50 1.10
N ASN B 28 -53.48 -23.64 1.56
CA ASN B 28 -54.43 -24.46 0.80
C ASN B 28 -53.82 -24.89 -0.55
N CYS B 29 -52.67 -25.55 -0.47
CA CYS B 29 -52.01 -26.08 -1.65
C CYS B 29 -51.08 -27.20 -1.24
N VAL B 30 -50.66 -27.99 -2.23
CA VAL B 30 -49.72 -29.08 -2.03
C VAL B 30 -48.31 -28.54 -2.26
N ALA B 31 -47.45 -28.69 -1.25
CA ALA B 31 -46.09 -28.15 -1.30
C ALA B 31 -45.12 -29.29 -1.60
N ASP B 32 -44.30 -29.09 -2.63
CA ASP B 32 -43.32 -30.10 -3.05
C ASP B 32 -41.94 -29.67 -2.59
N TYR B 33 -41.49 -30.20 -1.47
CA TYR B 33 -40.14 -29.94 -0.96
C TYR B 33 -39.15 -30.93 -1.57
N SER B 34 -39.15 -30.98 -2.90
CA SER B 34 -38.21 -31.81 -3.64
C SER B 34 -37.35 -31.03 -4.62
N VAL B 35 -37.79 -29.86 -5.07
CA VAL B 35 -36.99 -28.99 -5.92
C VAL B 35 -36.16 -28.01 -5.11
N LEU B 36 -36.17 -28.14 -3.79
CA LEU B 36 -35.40 -27.28 -2.90
C LEU B 36 -34.23 -28.01 -2.27
N TYR B 37 -34.46 -29.19 -1.69
CA TYR B 37 -33.37 -29.94 -1.09
C TYR B 37 -32.47 -30.54 -2.18
N ASN B 38 -33.06 -31.07 -3.24
CA ASN B 38 -32.28 -31.71 -4.29
C ASN B 38 -31.49 -30.71 -5.10
N SER B 39 -32.05 -29.51 -5.30
CA SER B 39 -31.38 -28.49 -6.11
C SER B 39 -30.09 -28.02 -5.46
N ALA B 40 -28.95 -28.43 -6.02
CA ALA B 40 -27.64 -28.04 -5.50
C ALA B 40 -27.16 -26.79 -6.22
N SER B 41 -28.01 -25.76 -6.20
CA SER B 41 -27.72 -24.47 -6.80
C SER B 41 -27.90 -23.33 -5.80
N PHE B 42 -28.04 -23.67 -4.52
CA PHE B 42 -28.29 -22.69 -3.47
C PHE B 42 -27.02 -22.52 -2.64
N SER B 43 -26.65 -21.26 -2.41
CA SER B 43 -25.47 -20.93 -1.63
C SER B 43 -25.70 -21.09 -0.14
N THR B 44 -26.90 -20.79 0.35
CA THR B 44 -27.20 -20.97 1.77
C THR B 44 -28.61 -21.55 1.93
N PHE B 45 -28.72 -22.65 2.66
CA PHE B 45 -29.99 -23.34 2.90
C PHE B 45 -29.97 -23.86 4.33
N LYS B 46 -30.50 -23.09 5.26
CA LYS B 46 -30.44 -23.42 6.68
C LYS B 46 -31.82 -23.38 7.30
N CYS B 47 -32.19 -24.44 8.02
CA CYS B 47 -33.47 -24.54 8.69
C CYS B 47 -33.27 -24.63 10.20
N TYR B 48 -34.17 -23.97 10.93
CA TYR B 48 -34.03 -23.84 12.39
C TYR B 48 -35.27 -24.47 13.03
N GLY B 49 -35.05 -25.52 13.81
CA GLY B 49 -36.11 -26.17 14.56
C GLY B 49 -36.80 -27.27 13.80
N VAL B 50 -36.51 -27.39 12.51
CA VAL B 50 -37.12 -28.41 11.66
C VAL B 50 -36.03 -29.02 10.79
N SER B 51 -35.97 -30.35 10.78
CA SER B 51 -35.06 -31.04 9.89
C SER B 51 -35.52 -30.85 8.44
N PRO B 52 -34.60 -30.59 7.50
CA PRO B 52 -35.03 -30.37 6.11
C PRO B 52 -35.79 -31.55 5.52
N THR B 53 -35.16 -32.72 5.50
CA THR B 53 -35.82 -33.94 5.06
C THR B 53 -36.64 -34.52 6.20
N LYS B 54 -37.28 -35.67 5.95
CA LYS B 54 -38.06 -36.37 6.97
C LYS B 54 -39.23 -35.53 7.46
N LEU B 55 -38.95 -34.38 8.05
CA LEU B 55 -39.98 -33.51 8.60
C LEU B 55 -40.69 -32.73 7.50
N ASN B 56 -40.52 -33.15 6.25
CA ASN B 56 -41.20 -32.50 5.13
C ASN B 56 -42.58 -33.12 4.90
N ASP B 57 -43.14 -33.74 5.94
CA ASP B 57 -44.46 -34.34 5.86
C ASP B 57 -45.31 -33.99 7.06
N LEU B 58 -45.23 -32.73 7.51
CA LEU B 58 -45.96 -32.28 8.69
C LEU B 58 -46.88 -31.14 8.29
N CYS B 59 -48.09 -31.15 8.85
CA CYS B 59 -49.16 -30.23 8.48
C CYS B 59 -48.98 -28.89 9.19
N PHE B 60 -49.19 -27.80 8.45
CA PHE B 60 -49.11 -26.45 9.00
C PHE B 60 -50.32 -25.65 8.59
N THR B 61 -50.68 -24.68 9.42
CA THR B 61 -51.84 -23.83 9.13
C THR B 61 -51.57 -22.91 7.95
N ASN B 62 -50.59 -22.02 8.09
CA ASN B 62 -50.25 -21.06 7.05
C ASN B 62 -48.74 -21.06 6.83
N VAL B 63 -48.33 -20.63 5.64
CA VAL B 63 -46.92 -20.51 5.29
C VAL B 63 -46.70 -19.09 4.77
N TYR B 64 -45.53 -18.53 5.07
CA TYR B 64 -45.17 -17.18 4.63
C TYR B 64 -43.82 -17.23 3.92
N ALA B 65 -43.73 -16.52 2.80
CA ALA B 65 -42.48 -16.38 2.05
C ALA B 65 -42.09 -14.91 2.00
N ASP B 66 -40.93 -14.59 2.55
CA ASP B 66 -40.42 -13.23 2.59
C ASP B 66 -39.21 -13.13 1.68
N SER B 67 -39.27 -12.21 0.71
CA SER B 67 -38.26 -12.12 -0.33
C SER B 67 -37.64 -10.74 -0.36
N PHE B 68 -36.32 -10.70 -0.55
CA PHE B 68 -35.59 -9.44 -0.75
C PHE B 68 -34.20 -9.76 -1.31
N VAL B 69 -33.38 -8.72 -1.46
CA VAL B 69 -32.03 -8.83 -2.00
C VAL B 69 -31.08 -8.04 -1.12
N ILE B 70 -30.00 -8.68 -0.67
CA ILE B 70 -28.98 -8.06 0.17
C ILE B 70 -27.62 -8.28 -0.49
N ARG B 71 -26.56 -7.91 0.22
CA ARG B 71 -25.23 -8.22 -0.28
C ARG B 71 -24.68 -9.44 0.42
N GLY B 72 -23.53 -9.92 -0.07
CA GLY B 72 -23.03 -11.22 0.34
C GLY B 72 -22.65 -11.31 1.81
N ASP B 73 -22.05 -10.24 2.35
CA ASP B 73 -21.57 -10.30 3.73
C ASP B 73 -22.72 -10.17 4.74
N GLU B 74 -23.89 -9.74 4.26
CA GLU B 74 -25.02 -9.51 5.16
C GLU B 74 -25.92 -10.74 5.32
N VAL B 75 -25.71 -11.79 4.54
CA VAL B 75 -26.56 -12.97 4.62
C VAL B 75 -26.45 -13.61 6.01
N ARG B 76 -25.29 -13.50 6.64
CA ARG B 76 -25.11 -14.05 7.98
C ARG B 76 -26.00 -13.36 9.01
N GLN B 77 -26.52 -12.17 8.70
CA GLN B 77 -27.38 -11.47 9.65
C GLN B 77 -28.83 -11.92 9.61
N ILE B 78 -29.20 -12.77 8.65
CA ILE B 78 -30.57 -13.31 8.59
C ILE B 78 -30.54 -14.58 9.43
N ALA B 79 -30.68 -14.39 10.74
CA ALA B 79 -30.62 -15.48 11.72
C ALA B 79 -31.04 -14.96 13.08
N PRO B 80 -31.62 -15.80 13.94
CA PRO B 80 -32.00 -15.34 15.27
C PRO B 80 -30.79 -14.91 16.09
N GLY B 81 -30.98 -13.89 16.91
CA GLY B 81 -29.93 -13.40 17.79
C GLY B 81 -28.72 -12.83 17.07
N GLN B 82 -28.95 -11.98 16.08
CA GLN B 82 -27.88 -11.35 15.32
C GLN B 82 -28.08 -9.84 15.31
N THR B 83 -26.97 -9.11 15.27
CA THR B 83 -26.98 -7.66 15.29
C THR B 83 -26.30 -7.11 14.04
N GLY B 84 -26.70 -5.89 13.69
CA GLY B 84 -26.19 -5.23 12.50
C GLY B 84 -27.18 -4.21 11.99
N ASN B 85 -26.88 -3.67 10.81
CA ASN B 85 -27.81 -2.74 10.18
C ASN B 85 -29.04 -3.46 9.64
N ILE B 86 -28.83 -4.56 8.93
CA ILE B 86 -29.94 -5.31 8.34
C ILE B 86 -30.84 -5.90 9.42
N ALA B 87 -30.23 -6.48 10.46
CA ALA B 87 -31.01 -7.14 11.49
C ALA B 87 -31.76 -6.16 12.37
N ASP B 88 -31.19 -4.98 12.63
CA ASP B 88 -31.80 -4.05 13.57
C ASP B 88 -32.73 -3.04 12.91
N TYR B 89 -32.42 -2.57 11.70
CA TYR B 89 -33.21 -1.54 11.05
C TYR B 89 -34.01 -2.02 9.86
N ASN B 90 -33.73 -3.20 9.32
CA ASN B 90 -34.35 -3.63 8.07
C ASN B 90 -35.23 -4.86 8.23
N TYR B 91 -34.69 -5.97 8.74
CA TYR B 91 -35.45 -7.21 8.83
C TYR B 91 -35.01 -7.95 10.08
N LYS B 92 -35.95 -8.17 11.01
CA LYS B 92 -35.65 -8.73 12.31
C LYS B 92 -36.38 -10.04 12.50
N LEU B 93 -35.68 -11.07 12.98
CA LEU B 93 -36.22 -12.39 13.26
C LEU B 93 -36.35 -12.61 14.76
N PRO B 94 -37.37 -13.34 15.19
CA PRO B 94 -37.54 -13.62 16.62
C PRO B 94 -36.52 -14.64 17.11
N ASP B 95 -36.34 -14.68 18.42
CA ASP B 95 -35.39 -15.62 19.02
C ASP B 95 -35.86 -17.06 18.85
N ASP B 96 -37.17 -17.29 18.88
CA ASP B 96 -37.75 -18.63 18.77
C ASP B 96 -38.22 -18.96 17.36
N PHE B 97 -37.50 -18.49 16.35
CA PHE B 97 -37.92 -18.67 14.96
C PHE B 97 -37.96 -20.14 14.59
N THR B 98 -38.96 -20.52 13.80
CA THR B 98 -39.10 -21.87 13.27
C THR B 98 -39.39 -21.76 11.77
N GLY B 99 -38.38 -22.07 10.96
CA GLY B 99 -38.53 -21.91 9.53
C GLY B 99 -37.22 -22.23 8.82
N CYS B 100 -37.09 -21.67 7.62
CA CYS B 100 -35.91 -21.91 6.79
C CYS B 100 -35.49 -20.63 6.09
N VAL B 101 -34.20 -20.53 5.77
CA VAL B 101 -33.60 -19.39 5.10
C VAL B 101 -32.84 -19.91 3.89
N ILE B 102 -33.08 -19.32 2.73
CA ILE B 102 -32.45 -19.70 1.48
C ILE B 102 -31.88 -18.44 0.82
N ALA B 103 -30.65 -18.53 0.33
CA ALA B 103 -29.99 -17.41 -0.32
C ALA B 103 -29.13 -17.92 -1.46
N TRP B 104 -29.22 -17.24 -2.60
CA TRP B 104 -28.42 -17.61 -3.75
C TRP B 104 -27.93 -16.37 -4.49
N ASN B 105 -26.77 -16.52 -5.13
CA ASN B 105 -26.13 -15.41 -5.83
C ASN B 105 -26.95 -14.99 -7.06
N SER B 106 -26.98 -13.69 -7.33
CA SER B 106 -27.72 -13.13 -8.46
C SER B 106 -26.91 -12.04 -9.16
N ASN B 107 -25.62 -12.29 -9.37
CA ASN B 107 -24.77 -11.27 -10.00
C ASN B 107 -25.19 -10.99 -11.44
N LYS B 108 -25.49 -12.04 -12.20
CA LYS B 108 -25.76 -11.87 -13.63
C LYS B 108 -27.07 -11.12 -13.90
N LEU B 109 -27.90 -10.92 -12.87
CA LEU B 109 -29.19 -10.26 -13.04
C LEU B 109 -29.24 -8.87 -12.42
N ASP B 110 -28.74 -8.71 -11.19
CA ASP B 110 -28.92 -7.48 -10.44
C ASP B 110 -27.72 -6.54 -10.52
N SER B 111 -26.70 -6.86 -11.30
CA SER B 111 -25.52 -6.01 -11.42
C SER B 111 -25.45 -5.40 -12.81
N LYS B 112 -24.95 -4.17 -12.86
CA LYS B 112 -24.81 -3.44 -14.11
C LYS B 112 -23.53 -2.64 -14.06
N VAL B 113 -22.91 -2.44 -15.23
CA VAL B 113 -21.61 -1.77 -15.28
C VAL B 113 -21.72 -0.35 -14.76
N SER B 114 -22.75 0.38 -15.17
CA SER B 114 -22.96 1.74 -14.69
C SER B 114 -23.44 1.80 -13.25
N GLY B 115 -23.83 0.66 -12.67
CA GLY B 115 -24.30 0.63 -11.31
C GLY B 115 -25.79 0.47 -11.18
N ASN B 116 -26.23 -0.47 -10.34
CA ASN B 116 -27.64 -0.71 -10.10
C ASN B 116 -28.05 0.06 -8.85
N TYR B 117 -28.71 1.20 -9.05
CA TYR B 117 -29.15 2.06 -7.96
C TYR B 117 -30.61 1.82 -7.59
N ASN B 118 -31.23 0.75 -8.07
CA ASN B 118 -32.64 0.49 -7.78
C ASN B 118 -32.85 -0.14 -6.42
N TYR B 119 -31.78 -0.60 -5.76
CA TYR B 119 -31.90 -1.28 -4.48
C TYR B 119 -31.45 -0.37 -3.34
N LEU B 120 -32.25 -0.35 -2.27
CA LEU B 120 -32.04 0.59 -1.18
C LEU B 120 -32.07 -0.16 0.15
N TYR B 121 -31.58 0.53 1.18
CA TYR B 121 -31.65 0.04 2.54
C TYR B 121 -31.61 1.21 3.50
N ARG B 122 -31.99 0.95 4.75
CA ARG B 122 -32.08 1.98 5.77
C ARG B 122 -30.80 2.00 6.60
N LEU B 123 -30.23 3.19 6.79
CA LEU B 123 -29.01 3.34 7.56
C LEU B 123 -29.24 3.94 8.94
N PHE B 124 -30.20 4.87 9.07
CA PHE B 124 -30.44 5.56 10.32
C PHE B 124 -31.86 5.28 10.78
N ARG B 125 -32.02 5.00 12.07
CA ARG B 125 -33.33 4.84 12.66
C ARG B 125 -33.24 5.14 14.15
N LYS B 126 -34.36 5.64 14.70
CA LYS B 126 -34.39 6.00 16.11
C LYS B 126 -34.23 4.80 17.04
N SER B 127 -34.90 3.69 16.72
CA SER B 127 -34.87 2.51 17.58
C SER B 127 -34.94 1.26 16.71
N ASN B 128 -34.61 0.13 17.31
CA ASN B 128 -34.59 -1.14 16.59
C ASN B 128 -36.01 -1.55 16.22
N LEU B 129 -36.11 -2.47 15.25
CA LEU B 129 -37.38 -2.96 14.77
C LEU B 129 -37.83 -4.18 15.56
N LYS B 130 -39.13 -4.24 15.85
CA LYS B 130 -39.72 -5.43 16.43
C LYS B 130 -39.79 -6.53 15.36
N PRO B 131 -39.86 -7.80 15.78
CA PRO B 131 -39.86 -8.88 14.79
C PRO B 131 -41.02 -8.79 13.81
N PHE B 132 -40.74 -9.11 12.56
CA PHE B 132 -41.72 -9.07 11.47
C PHE B 132 -42.40 -7.71 11.34
N GLU B 133 -41.62 -6.64 11.43
CA GLU B 133 -42.11 -5.28 11.25
C GLU B 133 -41.46 -4.65 10.02
N ARG B 134 -42.26 -3.89 9.28
CA ARG B 134 -41.78 -3.22 8.07
C ARG B 134 -42.00 -1.72 8.21
N ASP B 135 -40.96 -0.94 7.91
CA ASP B 135 -41.01 0.51 8.02
C ASP B 135 -40.57 1.11 6.69
N ILE B 136 -41.49 1.80 6.02
CA ILE B 136 -41.23 2.46 4.75
C ILE B 136 -41.32 3.97 4.88
N SER B 137 -41.09 4.50 6.09
CA SER B 137 -41.15 5.94 6.29
C SER B 137 -39.89 6.61 5.78
N THR B 138 -40.01 7.87 5.38
CA THR B 138 -38.90 8.64 4.84
C THR B 138 -38.71 9.98 5.56
N GLU B 139 -38.93 10.02 6.86
CA GLU B 139 -38.69 11.25 7.62
C GLU B 139 -37.20 11.41 7.87
N ILE B 140 -36.73 12.66 7.79
CA ILE B 140 -35.31 12.95 7.95
C ILE B 140 -34.88 12.63 9.38
N TYR B 141 -33.78 11.89 9.50
CA TYR B 141 -33.27 11.51 10.81
C TYR B 141 -32.61 12.71 11.48
N GLN B 142 -33.04 13.02 12.69
CA GLN B 142 -32.65 14.24 13.38
C GLN B 142 -31.62 13.87 14.44
N ALA B 143 -30.35 13.85 14.03
CA ALA B 143 -29.26 13.47 14.93
C ALA B 143 -28.82 14.60 15.85
N GLY B 144 -28.98 15.85 15.43
CA GLY B 144 -28.62 16.99 16.25
C GLY B 144 -29.76 17.42 17.15
N ASN B 145 -29.69 18.68 17.60
CA ASN B 145 -30.75 19.25 18.42
C ASN B 145 -31.56 20.32 17.70
N LYS B 146 -31.35 20.50 16.40
CA LYS B 146 -32.11 21.47 15.62
C LYS B 146 -33.13 20.76 14.74
N PRO B 147 -34.28 21.37 14.51
CA PRO B 147 -35.28 20.74 13.63
C PRO B 147 -34.76 20.61 12.20
N CYS B 148 -35.05 19.47 11.59
CA CYS B 148 -34.65 19.21 10.22
C CYS B 148 -35.62 19.80 9.20
N ASN B 149 -36.90 19.93 9.57
CA ASN B 149 -37.93 20.48 8.69
C ASN B 149 -38.07 19.70 7.39
N GLY B 150 -37.71 18.42 7.41
CA GLY B 150 -37.81 17.60 6.23
C GLY B 150 -36.81 17.91 5.14
N VAL B 151 -35.73 18.63 5.48
CA VAL B 151 -34.67 18.94 4.53
C VAL B 151 -33.33 18.55 5.14
N ALA B 152 -32.49 17.91 4.33
CA ALA B 152 -31.20 17.44 4.79
C ALA B 152 -30.26 18.61 5.05
N GLY B 153 -29.22 18.35 5.84
CA GLY B 153 -28.28 19.39 6.18
C GLY B 153 -27.35 18.95 7.29
N PHE B 154 -26.88 19.93 8.05
CA PHE B 154 -25.97 19.64 9.17
C PHE B 154 -26.71 18.88 10.26
N ASN B 155 -26.25 17.67 10.56
CA ASN B 155 -26.87 16.78 11.54
C ASN B 155 -28.30 16.42 11.16
N CYS B 156 -28.58 16.33 9.87
CA CYS B 156 -29.89 15.91 9.36
C CYS B 156 -29.61 15.15 8.06
N TYR B 157 -30.01 13.88 8.01
CA TYR B 157 -29.69 13.00 6.89
C TYR B 157 -30.93 12.28 6.38
N PHE B 158 -30.92 11.97 5.09
CA PHE B 158 -31.93 11.12 4.48
C PHE B 158 -31.68 9.67 4.89
N PRO B 159 -32.70 8.95 5.38
CA PRO B 159 -32.43 7.65 6.01
C PRO B 159 -32.14 6.52 5.04
N LEU B 160 -32.39 6.68 3.74
CA LEU B 160 -32.25 5.60 2.78
C LEU B 160 -31.01 5.78 1.93
N ARG B 161 -30.35 4.66 1.61
CA ARG B 161 -29.12 4.66 0.84
C ARG B 161 -29.15 3.51 -0.17
N SER B 162 -28.31 3.62 -1.19
CA SER B 162 -28.31 2.68 -2.31
C SER B 162 -27.07 1.79 -2.27
N TYR B 163 -27.26 0.55 -2.73
CA TYR B 163 -26.18 -0.44 -2.74
C TYR B 163 -25.17 -0.22 -3.86
N SER B 164 -25.63 0.14 -5.07
CA SER B 164 -24.76 0.41 -6.21
C SER B 164 -23.90 -0.81 -6.57
N PHE B 165 -24.57 -1.89 -7.00
CA PHE B 165 -23.88 -3.10 -7.39
C PHE B 165 -23.18 -2.93 -8.73
N ARG B 166 -21.99 -3.51 -8.86
CA ARG B 166 -21.24 -3.49 -10.11
C ARG B 166 -20.65 -4.88 -10.36
N PRO B 167 -20.47 -5.28 -11.63
CA PRO B 167 -20.04 -6.66 -11.93
C PRO B 167 -18.68 -7.01 -11.37
N THR B 168 -17.76 -6.04 -11.29
CA THR B 168 -16.38 -6.34 -10.94
C THR B 168 -16.12 -6.34 -9.44
N TYR B 169 -17.17 -6.20 -8.61
CA TYR B 169 -17.02 -6.22 -7.16
C TYR B 169 -16.56 -7.60 -6.70
N GLY B 170 -16.28 -7.74 -5.41
CA GLY B 170 -15.90 -9.01 -4.84
C GLY B 170 -17.11 -9.86 -4.49
N VAL B 171 -16.82 -11.05 -3.95
CA VAL B 171 -17.91 -11.96 -3.57
C VAL B 171 -18.75 -11.35 -2.46
N GLY B 172 -18.11 -10.73 -1.47
CA GLY B 172 -18.83 -10.17 -0.35
C GLY B 172 -19.67 -8.96 -0.69
N HIS B 173 -19.41 -8.33 -1.83
CA HIS B 173 -20.14 -7.13 -2.24
C HIS B 173 -21.10 -7.40 -3.40
N GLN B 174 -21.22 -8.65 -3.85
CA GLN B 174 -22.13 -9.00 -4.93
C GLN B 174 -23.54 -9.22 -4.38
N PRO B 175 -24.57 -9.05 -5.22
CA PRO B 175 -25.94 -9.21 -4.74
C PRO B 175 -26.30 -10.68 -4.49
N TYR B 176 -27.10 -10.89 -3.46
CA TYR B 176 -27.63 -12.20 -3.08
C TYR B 176 -29.13 -12.08 -2.86
N ARG B 177 -29.90 -12.95 -3.50
CA ARG B 177 -31.34 -12.99 -3.32
C ARG B 177 -31.69 -13.93 -2.18
N VAL B 178 -32.55 -13.46 -1.27
CA VAL B 178 -32.87 -14.17 -0.03
C VAL B 178 -34.38 -14.37 0.07
N VAL B 179 -34.77 -15.61 0.37
CA VAL B 179 -36.15 -16.00 0.62
C VAL B 179 -36.20 -16.74 1.95
N VAL B 180 -37.07 -16.28 2.84
CA VAL B 180 -37.24 -16.89 4.17
C VAL B 180 -38.64 -17.46 4.23
N LEU B 181 -38.75 -18.74 4.59
CA LEU B 181 -40.03 -19.44 4.66
C LEU B 181 -40.36 -19.72 6.12
N SER B 182 -41.53 -19.26 6.55
CA SER B 182 -41.99 -19.42 7.92
C SER B 182 -43.26 -20.26 7.93
N PHE B 183 -43.40 -21.13 8.93
CA PHE B 183 -44.52 -22.04 9.04
C PHE B 183 -45.36 -21.67 10.25
N GLU B 184 -46.68 -21.59 10.07
CA GLU B 184 -47.60 -21.26 11.13
C GLU B 184 -48.33 -22.50 11.62
N LEU B 185 -48.29 -22.72 12.93
CA LEU B 185 -48.96 -23.86 13.55
C LEU B 185 -49.91 -23.32 14.62
N LEU B 186 -51.19 -23.23 14.28
CA LEU B 186 -52.23 -22.75 15.17
C LEU B 186 -53.34 -23.77 15.31
N HIS B 187 -54.33 -23.44 16.14
CA HIS B 187 -55.49 -24.29 16.36
C HIS B 187 -56.41 -24.16 15.16
N ALA B 188 -56.02 -24.82 14.07
CA ALA B 188 -56.72 -24.72 12.81
C ALA B 188 -56.62 -26.06 12.10
N PRO B 189 -57.48 -26.31 11.11
CA PRO B 189 -57.39 -27.59 10.38
C PRO B 189 -56.04 -27.84 9.71
N ALA B 190 -55.29 -26.78 9.40
CA ALA B 190 -53.93 -26.90 8.85
C ALA B 190 -53.95 -27.68 7.53
N THR B 191 -54.57 -27.06 6.53
CA THR B 191 -54.77 -27.66 5.22
C THR B 191 -53.53 -27.64 4.34
N VAL B 192 -52.35 -27.38 4.91
CA VAL B 192 -51.10 -27.38 4.16
C VAL B 192 -50.20 -28.43 4.79
N CYS B 193 -50.15 -29.62 4.18
CA CYS B 193 -49.32 -30.71 4.69
C CYS B 193 -48.20 -31.06 3.72
N GLY B 194 -48.50 -31.40 2.48
CA GLY B 194 -47.48 -31.78 1.52
C GLY B 194 -47.02 -33.20 1.71
N PRO B 195 -46.94 -33.97 0.61
CA PRO B 195 -46.51 -35.37 0.65
C PRO B 195 -45.04 -35.52 1.03
C1 NAG C . -37.25 -21.82 -11.87
C2 NAG C . -37.73 -23.08 -11.13
C3 NAG C . -36.99 -24.32 -11.63
C4 NAG C . -37.11 -24.42 -13.14
C5 NAG C . -36.58 -23.16 -13.78
C6 NAG C . -36.72 -23.15 -15.29
C7 NAG C . -38.38 -23.49 -8.80
C8 NAG C . -38.06 -23.23 -7.35
N2 NAG C . -37.56 -22.92 -9.69
O3 NAG C . -37.54 -25.47 -10.99
O4 NAG C . -36.46 -25.58 -13.67
O5 NAG C . -37.32 -22.03 -13.30
O6 NAG C . -38.09 -23.02 -15.68
O7 NAG C . -39.34 -24.18 -9.14
C1 NAG C . -35.21 -25.93 -13.02
C2 NAG C . -34.90 -27.37 -13.45
C3 NAG C . -33.57 -27.83 -12.85
C4 NAG C . -32.47 -26.83 -13.19
C5 NAG C . -32.88 -25.43 -12.78
C6 NAG C . -31.88 -24.37 -13.20
C7 NAG C . -36.95 -28.63 -13.92
C8 NAG C . -37.97 -29.58 -13.37
N2 NAG C . -35.97 -28.28 -13.08
O3 NAG C . -33.25 -29.12 -13.36
O4 NAG C . -31.27 -27.20 -12.53
O5 NAG C . -34.13 -25.07 -13.39
O6 NAG C . -32.37 -23.06 -12.95
O7 NAG C . -36.99 -28.23 -15.08
C1 NAG D . -8.84 0.49 -25.72
C2 NAG D . -9.79 -0.69 -25.95
C3 NAG D . -10.53 -0.53 -27.27
C4 NAG D . -11.21 0.82 -27.34
C5 NAG D . -10.19 1.93 -27.09
C6 NAG D . -10.82 3.30 -27.03
C7 NAG D . -9.04 -2.74 -24.84
C8 NAG D . -8.26 -4.02 -24.97
N2 NAG D . -9.07 -1.96 -25.91
O3 NAG D . -11.49 -1.57 -27.41
O4 NAG D . -11.79 1.01 -28.63
O5 NAG D . -9.56 1.71 -25.82
O6 NAG D . -10.55 4.04 -28.21
O7 NAG D . -9.64 -2.46 -23.79
C1 NAG E . -14.53 3.46 19.73
C2 NAG E . -14.85 2.43 20.82
C3 NAG E . -14.94 1.03 20.22
C4 NAG E . -15.92 1.02 19.06
C5 NAG E . -15.55 2.08 18.03
C6 NAG E . -16.54 2.19 16.90
C7 NAG E . -14.11 2.09 23.14
C8 NAG E . -12.95 2.19 24.10
N2 NAG E . -13.85 2.47 21.88
O3 NAG E . -15.33 0.11 21.21
O4 NAG E . -15.92 -0.26 18.43
O5 NAG E . -15.50 3.37 18.68
O6 NAG E . -17.86 2.43 17.39
O7 NAG E . -15.21 1.70 23.49
C1 NAG F . -8.89 -20.82 -2.49
C2 NAG F . -9.43 -21.28 -3.84
C3 NAG F . -10.90 -21.66 -3.72
C4 NAG F . -11.09 -22.69 -2.61
C5 NAG F . -10.47 -22.19 -1.31
C6 NAG F . -10.51 -23.21 -0.19
C7 NAG F . -8.60 -20.43 -5.99
C8 NAG F . -8.52 -19.25 -6.91
N2 NAG F . -9.26 -20.23 -4.85
O3 NAG F . -11.36 -22.19 -4.95
O4 NAG F . -12.47 -22.94 -2.40
O5 NAG F . -9.08 -21.86 -1.52
O6 NAG F . -9.61 -22.87 0.86
O7 NAG F . -8.08 -21.50 -6.27
C1 NAG G . 35.93 -20.93 3.00
C2 NAG G . 36.87 -19.83 3.47
C3 NAG G . 38.30 -20.32 3.51
C4 NAG G . 38.40 -21.59 4.36
C5 NAG G . 37.40 -22.64 3.87
C6 NAG G . 37.35 -23.85 4.75
C7 NAG G . 36.55 -17.42 3.11
C8 NAG G . 36.46 -16.33 2.09
N2 NAG G . 36.75 -18.65 2.62
O3 NAG G . 39.15 -19.32 4.05
O4 NAG G . 39.72 -22.12 4.29
O5 NAG G . 36.08 -22.08 3.85
O6 NAG G . 37.16 -23.51 6.11
O7 NAG G . 36.45 -17.21 4.31
C1 NAG H . 7.83 -27.05 2.08
C2 NAG H . 9.30 -27.39 1.85
C3 NAG H . 9.52 -27.80 0.40
C4 NAG H . 8.56 -28.92 0.02
C5 NAG H . 7.12 -28.53 0.34
C6 NAG H . 6.14 -29.65 0.09
C7 NAG H . 11.33 -26.40 2.80
C8 NAG H . 12.08 -25.13 3.07
N2 NAG H . 10.15 -26.26 2.18
O3 NAG H . 10.86 -28.24 0.23
O4 NAG H . 8.67 -29.21 -1.38
O5 NAG H . 7.01 -28.17 1.72
O6 NAG H . 6.49 -30.42 -1.05
O7 NAG H . 11.79 -27.50 3.11
ZN ZN I . 7.18 -2.43 -3.21
#